data_7UG8
#
_entry.id   7UG8
#
_cell.length_a   54.680
_cell.length_b   54.750
_cell.length_c   61.150
_cell.angle_alpha   69.649
_cell.angle_beta   77.732
_cell.angle_gamma   67.267
#
_symmetry.space_group_name_H-M   'P 1'
#
loop_
_entity.id
_entity.type
_entity.pdbx_description
1 polymer 'Ketoacid-binding protein'
2 non-polymer '2-oxopentanoic acid'
3 non-polymer 1,2-ETHANEDIOL
4 non-polymer 'CALCIUM ION'
5 water water
#
_entity_poly.entity_id   1
_entity_poly.type   'polypeptide(L)'
_entity_poly.pdbx_seq_one_letter_code
;EETRASGLPQVRWRMATSWPISLDTIYGGAVTICQRVEEMSGGAFRIEPFAAGEIVPGLEVLDAVQARSVECGHTASYYY
IGKNPAFAFGTAVPFGLSAQQQNTWLYYGGGNEDMNALFADFGAVSFPAGNTGGQLGGWFKKPIQNLASLQGLKMRIPGL
GGKVMAKLGVNVQVLPGGEIYLALERGTIDAAEFTGPYDDEKLGLAKAAKHYYYPGWWEPGPTLMALVNRKAWSDLPKEY
QAMFRTACYEANLGMLSNYEWRNSEALQRITRQGIKLERYGDDILKAARSASAEIFQELADADAGFKALLERWRLFRRDT
RRWNNINELPLAEFDESSEGDQPGDQR
;
_entity_poly.pdbx_strand_id   A,B
#
# COMPACT_ATOMS: atom_id res chain seq x y z
N GLY A 7 -20.66 -25.27 18.38
CA GLY A 7 -21.54 -24.17 17.95
C GLY A 7 -21.06 -22.82 18.46
N LEU A 8 -20.60 -21.94 17.57
CA LEU A 8 -20.25 -20.53 17.88
C LEU A 8 -21.51 -19.69 17.81
N PRO A 9 -21.64 -18.63 18.64
CA PRO A 9 -22.86 -17.83 18.67
C PRO A 9 -23.26 -17.16 17.34
N GLN A 10 -24.54 -16.79 17.27
CA GLN A 10 -25.11 -15.78 16.34
C GLN A 10 -24.85 -14.40 16.97
N VAL A 11 -23.85 -13.67 16.48
CA VAL A 11 -23.58 -12.26 16.89
C VAL A 11 -24.28 -11.33 15.89
N ARG A 12 -25.00 -10.32 16.39
CA ARG A 12 -25.64 -9.27 15.56
C ARG A 12 -25.18 -7.91 16.10
N TRP A 13 -24.43 -7.16 15.30
CA TRP A 13 -23.87 -5.84 15.66
C TRP A 13 -24.42 -4.77 14.72
N ARG A 14 -24.18 -3.52 15.09
CA ARG A 14 -24.38 -2.33 14.23
C ARG A 14 -23.05 -1.60 14.17
N MET A 15 -22.74 -1.01 13.01
CA MET A 15 -21.51 -0.20 12.79
C MET A 15 -21.98 1.20 12.36
N ALA A 16 -21.73 2.20 13.21
CA ALA A 16 -21.93 3.62 12.87
C ALA A 16 -20.74 4.10 12.04
N THR A 17 -20.98 4.71 10.89
CA THR A 17 -19.92 5.32 10.05
C THR A 17 -20.05 6.84 9.97
N SER A 18 -18.97 7.48 9.57
CA SER A 18 -18.86 8.95 9.41
C SER A 18 -19.24 9.36 7.99
N TRP A 19 -19.70 8.44 7.14
CA TRP A 19 -19.72 8.62 5.67
C TRP A 19 -21.16 8.64 5.11
N PRO A 20 -21.41 9.35 3.97
CA PRO A 20 -22.65 9.20 3.21
C PRO A 20 -22.59 8.00 2.26
N ILE A 21 -23.75 7.36 2.01
CA ILE A 21 -23.77 6.10 1.21
C ILE A 21 -23.29 6.39 -0.22
N SER A 22 -23.35 7.64 -0.70
CA SER A 22 -22.97 8.03 -2.09
C SER A 22 -21.47 7.76 -2.35
N LEU A 23 -20.66 7.87 -1.31
CA LEU A 23 -19.20 7.60 -1.41
C LEU A 23 -18.93 6.11 -1.19
N ASP A 24 -19.07 5.33 -2.26
CA ASP A 24 -18.83 3.87 -2.29
C ASP A 24 -17.35 3.52 -2.12
N THR A 25 -16.44 4.51 -2.19
CA THR A 25 -15.01 4.32 -1.88
C THR A 25 -14.88 4.09 -0.36
N ILE A 26 -15.18 5.12 0.41
CA ILE A 26 -14.91 5.10 1.87
C ILE A 26 -16.02 4.36 2.62
N TYR A 27 -17.30 4.55 2.25
CA TYR A 27 -18.40 3.76 2.88
C TYR A 27 -18.16 2.29 2.55
N GLY A 28 -17.63 2.03 1.36
CA GLY A 28 -17.23 0.69 0.86
C GLY A 28 -16.34 -0.07 1.83
N GLY A 29 -15.41 0.62 2.53
CA GLY A 29 -14.54 0.00 3.55
C GLY A 29 -15.34 -0.59 4.70
N ALA A 30 -16.29 0.15 5.24
CA ALA A 30 -17.24 -0.35 6.27
C ALA A 30 -18.02 -1.55 5.74
N VAL A 31 -18.54 -1.44 4.51
CA VAL A 31 -19.37 -2.52 3.89
C VAL A 31 -18.51 -3.76 3.76
N THR A 32 -17.24 -3.61 3.34
CA THR A 32 -16.32 -4.73 3.13
C THR A 32 -16.18 -5.50 4.44
N ILE A 33 -15.93 -4.79 5.54
CA ILE A 33 -15.75 -5.46 6.85
C ILE A 33 -17.02 -6.26 7.18
N CYS A 34 -18.19 -5.64 7.04
CA CYS A 34 -19.49 -6.24 7.43
C CYS A 34 -19.77 -7.46 6.55
N GLN A 35 -19.62 -7.32 5.23
CA GLN A 35 -19.88 -8.44 4.28
C GLN A 35 -18.90 -9.59 4.56
N ARG A 36 -17.62 -9.29 4.75
CA ARG A 36 -16.61 -10.35 4.87
C ARG A 36 -16.82 -11.16 6.15
N VAL A 37 -17.14 -10.55 7.30
CA VAL A 37 -17.32 -11.40 8.52
C VAL A 37 -18.57 -12.28 8.37
N GLU A 38 -19.59 -11.80 7.67
CA GLU A 38 -20.82 -12.58 7.35
C GLU A 38 -20.46 -13.78 6.46
N GLU A 39 -19.65 -13.58 5.40
CA GLU A 39 -19.25 -14.65 4.49
C GLU A 39 -18.42 -15.69 5.24
N MET A 40 -17.38 -15.26 5.99
CA MET A 40 -16.46 -16.19 6.66
C MET A 40 -17.21 -16.97 7.77
N SER A 41 -18.19 -16.36 8.44
CA SER A 41 -18.94 -16.97 9.58
C SER A 41 -20.18 -17.75 9.11
N GLY A 42 -20.41 -17.83 7.80
CA GLY A 42 -21.62 -18.42 7.19
C GLY A 42 -22.91 -17.81 7.71
N GLY A 43 -22.93 -16.53 8.08
CA GLY A 43 -24.13 -15.80 8.52
C GLY A 43 -24.26 -15.73 10.02
N ALA A 44 -23.36 -16.39 10.75
CA ALA A 44 -23.40 -16.41 12.22
C ALA A 44 -22.96 -15.06 12.81
N PHE A 45 -22.05 -14.32 12.16
CA PHE A 45 -21.56 -13.01 12.66
C PHE A 45 -21.97 -11.93 11.64
N ARG A 46 -22.97 -11.12 12.00
CA ARG A 46 -23.49 -10.08 11.09
C ARG A 46 -23.29 -8.73 11.77
N ILE A 47 -22.96 -7.74 10.93
CA ILE A 47 -22.78 -6.32 11.30
C ILE A 47 -23.54 -5.53 10.24
N GLU A 48 -24.46 -4.67 10.71
CA GLU A 48 -25.23 -3.75 9.86
C GLU A 48 -24.52 -2.39 9.85
N PRO A 49 -24.05 -1.91 8.69
CA PRO A 49 -23.43 -0.59 8.61
C PRO A 49 -24.50 0.49 8.46
N PHE A 50 -24.23 1.69 8.94
CA PHE A 50 -25.14 2.86 8.84
C PHE A 50 -24.36 4.07 8.36
N ALA A 51 -24.94 4.81 7.42
CA ALA A 51 -24.41 6.09 6.91
C ALA A 51 -24.48 7.13 8.02
N ALA A 52 -23.61 8.12 7.95
CA ALA A 52 -23.58 9.29 8.86
C ALA A 52 -25.01 9.82 9.05
N GLY A 53 -25.43 10.01 10.30
CA GLY A 53 -26.69 10.68 10.66
C GLY A 53 -27.86 9.72 10.76
N GLU A 54 -27.75 8.48 10.25
CA GLU A 54 -28.86 7.49 10.30
C GLU A 54 -29.18 7.12 11.76
N ILE A 55 -28.17 6.82 12.58
CA ILE A 55 -28.39 6.44 14.01
C ILE A 55 -27.47 7.28 14.90
N VAL A 56 -26.40 7.84 14.36
CA VAL A 56 -25.34 8.57 15.10
C VAL A 56 -24.80 9.65 14.17
N PRO A 57 -24.55 10.88 14.66
CA PRO A 57 -23.94 11.88 13.78
C PRO A 57 -22.54 11.40 13.34
N GLY A 58 -22.16 11.78 12.11
CA GLY A 58 -20.87 11.44 11.47
C GLY A 58 -19.66 11.74 12.35
N LEU A 59 -19.69 12.87 13.07
CA LEU A 59 -18.53 13.31 13.88
C LEU A 59 -18.60 12.74 15.30
N GLU A 60 -19.55 11.85 15.61
CA GLU A 60 -19.72 11.35 17.01
C GLU A 60 -19.69 9.82 17.04
N VAL A 61 -19.03 9.19 16.05
CA VAL A 61 -18.93 7.71 16.01
C VAL A 61 -18.21 7.23 17.28
N LEU A 62 -17.08 7.83 17.66
CA LEU A 62 -16.28 7.38 18.83
C LEU A 62 -17.13 7.47 20.11
N ASP A 63 -17.85 8.58 20.28
CA ASP A 63 -18.80 8.80 21.42
C ASP A 63 -19.80 7.63 21.48
N ALA A 64 -20.42 7.27 20.35
CA ALA A 64 -21.43 6.18 20.31
C ALA A 64 -20.76 4.83 20.62
N VAL A 65 -19.53 4.60 20.14
CA VAL A 65 -18.80 3.34 20.43
C VAL A 65 -18.46 3.27 21.93
N GLN A 66 -17.92 4.36 22.50
CA GLN A 66 -17.60 4.44 23.94
C GLN A 66 -18.83 4.13 24.80
N ALA A 67 -19.97 4.73 24.49
CA ALA A 67 -21.25 4.53 25.23
C ALA A 67 -21.82 3.13 24.97
N ARG A 68 -21.34 2.43 23.94
CA ARG A 68 -21.90 1.13 23.48
C ARG A 68 -23.34 1.33 22.97
N SER A 69 -23.69 2.49 22.44
CA SER A 69 -24.99 2.61 21.73
C SER A 69 -24.89 1.88 20.38
N VAL A 70 -23.67 1.71 19.86
CA VAL A 70 -23.33 0.73 18.78
C VAL A 70 -22.11 -0.06 19.27
N GLU A 71 -21.90 -1.25 18.71
CA GLU A 71 -20.76 -2.12 19.08
C GLU A 71 -19.49 -1.64 18.35
N CYS A 72 -19.62 -1.06 17.15
CA CYS A 72 -18.43 -0.72 16.34
C CYS A 72 -18.71 0.46 15.40
N GLY A 73 -17.64 0.99 14.82
CA GLY A 73 -17.72 2.21 14.01
C GLY A 73 -16.64 2.23 12.96
N HIS A 74 -16.77 3.16 12.03
CA HIS A 74 -15.79 3.38 10.93
C HIS A 74 -15.72 4.87 10.77
N THR A 75 -14.56 5.45 11.09
CA THR A 75 -14.40 6.89 11.26
C THR A 75 -12.94 7.28 11.04
N ALA A 76 -12.62 8.54 11.26
CA ALA A 76 -11.26 9.10 11.14
C ALA A 76 -10.87 9.58 12.52
N SER A 77 -9.77 9.09 13.04
CA SER A 77 -9.28 9.43 14.39
C SER A 77 -9.14 10.96 14.54
N TYR A 78 -8.84 11.71 13.47
CA TYR A 78 -8.56 13.17 13.61
C TYR A 78 -9.87 13.98 13.81
N TYR A 79 -11.04 13.33 13.74
CA TYR A 79 -12.31 14.00 14.09
C TYR A 79 -12.38 14.22 15.61
N TYR A 80 -11.49 13.62 16.40
CA TYR A 80 -11.56 13.60 17.89
C TYR A 80 -10.34 14.31 18.51
N ILE A 81 -9.67 15.21 17.75
CA ILE A 81 -8.48 15.96 18.27
C ILE A 81 -8.89 16.85 19.45
N GLY A 82 -10.14 17.27 19.53
CA GLY A 82 -10.74 17.93 20.72
C GLY A 82 -10.62 17.09 21.98
N LYS A 83 -10.71 15.76 21.89
CA LYS A 83 -10.54 14.86 23.06
C LYS A 83 -9.06 14.59 23.30
N ASN A 84 -8.25 14.50 22.25
CA ASN A 84 -6.80 14.26 22.42
C ASN A 84 -6.11 14.59 21.10
N PRO A 85 -5.28 15.66 21.04
CA PRO A 85 -4.62 16.03 19.80
C PRO A 85 -3.76 14.90 19.21
N ALA A 86 -3.26 13.98 20.04
CA ALA A 86 -2.45 12.82 19.62
C ALA A 86 -3.23 11.90 18.64
N PHE A 87 -4.58 11.92 18.66
CA PHE A 87 -5.41 11.18 17.68
C PHE A 87 -5.11 11.60 16.25
N ALA A 88 -4.54 12.79 16.02
CA ALA A 88 -4.22 13.31 14.67
C ALA A 88 -3.34 12.32 13.92
N PHE A 89 -2.35 11.71 14.56
CA PHE A 89 -1.33 10.86 13.89
C PHE A 89 -1.95 9.61 13.30
N GLY A 90 -3.06 9.15 13.88
CA GLY A 90 -3.81 7.98 13.43
C GLY A 90 -4.68 8.23 12.22
N THR A 91 -4.80 9.46 11.75
CA THR A 91 -5.43 9.77 10.42
C THR A 91 -4.29 10.20 9.49
N ALA A 92 -3.85 11.44 9.67
CA ALA A 92 -2.76 12.08 8.93
C ALA A 92 -2.44 13.41 9.61
N VAL A 93 -1.23 13.88 9.43
CA VAL A 93 -0.85 15.23 9.91
C VAL A 93 -0.16 15.92 8.73
N PRO A 94 -0.22 17.26 8.73
CA PRO A 94 0.38 18.06 7.66
C PRO A 94 1.83 17.68 7.46
N PHE A 95 2.21 17.55 6.19
CA PHE A 95 3.58 17.20 5.74
C PHE A 95 3.99 15.87 6.40
N GLY A 96 3.01 15.00 6.66
CA GLY A 96 3.24 13.72 7.37
C GLY A 96 3.59 12.57 6.45
N LEU A 97 2.93 11.44 6.66
CA LEU A 97 3.34 10.17 6.01
C LEU A 97 2.47 9.96 4.76
N SER A 98 3.10 9.50 3.68
CA SER A 98 2.40 8.82 2.55
C SER A 98 1.56 7.66 3.08
N ALA A 99 0.53 7.23 2.33
CA ALA A 99 -0.31 6.06 2.69
C ALA A 99 0.58 4.85 2.98
N GLN A 100 1.60 4.60 2.15
CA GLN A 100 2.45 3.39 2.31
C GLN A 100 3.27 3.52 3.60
N GLN A 101 3.81 4.71 3.85
CA GLN A 101 4.54 5.00 5.12
C GLN A 101 3.63 4.89 6.35
N GLN A 102 2.41 5.41 6.23
CA GLN A 102 1.38 5.41 7.31
C GLN A 102 1.06 3.94 7.69
N ASN A 103 0.82 3.07 6.69
CA ASN A 103 0.59 1.62 6.94
C ASN A 103 1.81 0.99 7.60
N THR A 104 3.01 1.29 7.12
CA THR A 104 4.25 0.80 7.74
C THR A 104 4.29 1.28 9.19
N TRP A 105 4.06 2.55 9.43
CA TRP A 105 4.11 3.12 10.81
C TRP A 105 3.08 2.40 11.70
N LEU A 106 1.85 2.20 11.23
CA LEU A 106 0.78 1.55 12.03
C LEU A 106 1.18 0.11 12.34
N TYR A 107 1.58 -0.67 11.33
CA TYR A 107 1.67 -2.14 11.51
C TYR A 107 2.99 -2.49 12.21
N TYR A 108 4.10 -1.81 11.93
CA TYR A 108 5.46 -2.22 12.37
C TYR A 108 6.22 -1.07 13.06
N GLY A 109 5.79 0.18 12.93
CA GLY A 109 6.52 1.31 13.54
C GLY A 109 5.99 1.66 14.91
N GLY A 110 5.00 0.92 15.45
CA GLY A 110 4.40 1.19 16.77
C GLY A 110 3.12 2.00 16.73
N GLY A 111 2.67 2.49 15.55
CA GLY A 111 1.46 3.32 15.42
C GLY A 111 0.20 2.66 15.96
N ASN A 112 -0.10 1.41 15.61
CA ASN A 112 -1.38 0.77 16.05
CA ASN A 112 -1.35 0.72 16.06
C ASN A 112 -1.36 0.63 17.58
N GLU A 113 -0.19 0.42 18.17
CA GLU A 113 -0.06 0.35 19.66
C GLU A 113 -0.32 1.74 20.25
N ASP A 114 0.28 2.78 19.68
CA ASP A 114 0.07 4.18 20.15
C ASP A 114 -1.44 4.54 20.05
N MET A 115 -2.08 4.23 18.92
CA MET A 115 -3.50 4.60 18.70
C MET A 115 -4.42 3.77 19.60
N ASN A 116 -4.12 2.49 19.83
CA ASN A 116 -4.94 1.66 20.75
C ASN A 116 -4.79 2.15 22.20
N ALA A 117 -3.61 2.67 22.59
CA ALA A 117 -3.41 3.24 23.94
C ALA A 117 -4.33 4.48 24.09
N LEU A 118 -4.47 5.31 23.04
CA LEU A 118 -5.38 6.48 23.08
C LEU A 118 -6.83 6.00 23.09
N PHE A 119 -7.21 5.06 22.24
CA PHE A 119 -8.62 4.61 22.16
C PHE A 119 -9.03 3.86 23.44
N ALA A 120 -8.08 3.29 24.18
CA ALA A 120 -8.36 2.56 25.45
C ALA A 120 -8.95 3.55 26.46
N ASP A 121 -8.53 4.80 26.41
CA ASP A 121 -9.04 5.90 27.28
C ASP A 121 -10.53 6.18 26.98
N PHE A 122 -11.08 5.77 25.83
CA PHE A 122 -12.48 6.01 25.42
C PHE A 122 -13.20 4.70 25.21
N GLY A 123 -12.72 3.63 25.85
CA GLY A 123 -13.44 2.34 25.87
C GLY A 123 -13.44 1.63 24.52
N ALA A 124 -12.44 1.86 23.65
CA ALA A 124 -12.47 1.32 22.28
C ALA A 124 -11.15 0.67 21.89
N VAL A 125 -11.23 -0.25 20.94
CA VAL A 125 -10.04 -0.84 20.26
C VAL A 125 -10.11 -0.42 18.78
N SER A 126 -8.94 -0.17 18.16
CA SER A 126 -8.84 0.40 16.80
C SER A 126 -8.08 -0.55 15.87
N PHE A 127 -8.44 -0.53 14.59
CA PHE A 127 -7.82 -1.31 13.48
C PHE A 127 -7.74 -0.43 12.26
N PRO A 128 -6.60 -0.36 11.52
CA PRO A 128 -6.58 0.35 10.26
C PRO A 128 -7.62 -0.29 9.33
N ALA A 129 -8.40 0.52 8.61
CA ALA A 129 -9.55 0.01 7.82
C ALA A 129 -9.85 0.95 6.66
N GLY A 130 -8.81 1.55 6.09
CA GLY A 130 -8.95 2.41 4.89
C GLY A 130 -7.84 3.42 4.78
N ASN A 131 -7.62 3.89 3.57
CA ASN A 131 -6.80 5.08 3.28
C ASN A 131 -7.34 5.69 1.99
N THR A 132 -7.36 7.02 1.88
CA THR A 132 -7.78 7.72 0.63
C THR A 132 -6.57 7.85 -0.31
N GLY A 133 -5.38 7.61 0.18
CA GLY A 133 -4.16 8.03 -0.54
C GLY A 133 -4.01 9.54 -0.47
N GLY A 134 -2.98 10.07 -1.10
CA GLY A 134 -2.69 11.51 -1.04
C GLY A 134 -3.88 12.34 -1.48
N GLN A 135 -4.24 13.38 -0.72
CA GLN A 135 -5.44 14.21 -1.03
C GLN A 135 -5.04 15.41 -1.91
N LEU A 136 -6.00 16.03 -2.60
CA LEU A 136 -5.70 17.30 -3.32
C LEU A 136 -6.07 18.51 -2.44
N GLY A 137 -5.87 19.70 -3.00
CA GLY A 137 -5.77 20.95 -2.24
C GLY A 137 -7.10 21.68 -2.12
N GLY A 138 -8.21 21.07 -2.49
CA GLY A 138 -9.52 21.69 -2.25
C GLY A 138 -9.95 22.70 -3.31
N TRP A 139 -11.22 23.07 -3.20
CA TRP A 139 -12.01 23.78 -4.22
C TRP A 139 -12.29 25.19 -3.68
N PHE A 140 -12.12 26.20 -4.52
CA PHE A 140 -12.33 27.65 -4.19
C PHE A 140 -13.32 28.27 -5.18
N LYS A 141 -14.37 28.94 -4.68
CA LYS A 141 -15.33 29.68 -5.56
C LYS A 141 -14.57 30.73 -6.36
N LYS A 142 -13.59 31.39 -5.75
CA LYS A 142 -12.75 32.43 -6.41
C LYS A 142 -11.31 31.94 -6.44
N PRO A 143 -10.56 32.23 -7.54
CA PRO A 143 -9.19 31.78 -7.68
C PRO A 143 -8.26 32.41 -6.65
N ILE A 144 -7.26 31.67 -6.20
CA ILE A 144 -6.22 32.12 -5.24
C ILE A 144 -5.20 32.93 -6.02
N GLN A 145 -4.83 34.12 -5.52
CA GLN A 145 -3.84 35.05 -6.13
C GLN A 145 -2.50 34.90 -5.44
N ASN A 146 -2.52 34.73 -4.11
CA ASN A 146 -1.30 34.58 -3.27
C ASN A 146 -1.76 34.25 -1.85
N LEU A 147 -0.83 34.13 -0.92
CA LEU A 147 -1.09 33.76 0.49
C LEU A 147 -2.23 34.62 1.07
N ALA A 148 -2.24 35.92 0.78
CA ALA A 148 -3.21 36.89 1.36
C ALA A 148 -4.63 36.60 0.87
N SER A 149 -4.80 35.92 -0.27
CA SER A 149 -6.14 35.48 -0.75
C SER A 149 -6.82 34.58 0.29
N LEU A 150 -6.08 33.90 1.17
CA LEU A 150 -6.66 32.96 2.18
C LEU A 150 -7.28 33.73 3.36
N GLN A 151 -6.91 35.00 3.55
CA GLN A 151 -7.38 35.79 4.72
C GLN A 151 -8.90 35.97 4.66
N GLY A 152 -9.63 35.44 5.62
CA GLY A 152 -11.08 35.65 5.70
C GLY A 152 -11.89 34.61 4.95
N LEU A 153 -11.26 33.70 4.19
CA LEU A 153 -12.00 32.59 3.51
C LEU A 153 -12.68 31.70 4.55
N LYS A 154 -13.95 31.33 4.36
CA LYS A 154 -14.61 30.29 5.15
C LYS A 154 -14.41 28.96 4.42
N MET A 155 -13.70 28.01 5.05
CA MET A 155 -13.28 26.75 4.39
C MET A 155 -13.66 25.56 5.26
N ARG A 156 -14.25 24.55 4.64
CA ARG A 156 -14.40 23.20 5.23
C ARG A 156 -13.05 22.48 5.12
N ILE A 157 -12.45 22.12 6.24
CA ILE A 157 -11.20 21.31 6.35
C ILE A 157 -11.03 20.90 7.80
N PRO A 158 -10.91 19.59 8.11
CA PRO A 158 -10.74 19.13 9.50
C PRO A 158 -9.31 18.94 9.96
N GLY A 159 -9.15 18.51 11.22
CA GLY A 159 -7.88 18.05 11.79
C GLY A 159 -6.88 19.17 11.94
N LEU A 160 -5.62 18.80 12.13
CA LEU A 160 -4.53 19.78 12.35
C LEU A 160 -4.27 20.59 11.08
N GLY A 161 -4.68 20.07 9.91
CA GLY A 161 -4.72 20.85 8.66
C GLY A 161 -5.58 22.09 8.80
N GLY A 162 -6.77 21.94 9.38
CA GLY A 162 -7.67 23.06 9.69
C GLY A 162 -7.01 24.12 10.56
N LYS A 163 -6.34 23.67 11.61
CA LYS A 163 -5.61 24.57 12.54
C LYS A 163 -4.50 25.28 11.77
N VAL A 164 -3.83 24.61 10.84
CA VAL A 164 -2.73 25.26 10.06
C VAL A 164 -3.40 26.35 9.23
N MET A 165 -4.50 26.03 8.54
CA MET A 165 -5.15 26.99 7.61
C MET A 165 -5.68 28.17 8.45
N ALA A 166 -6.18 27.95 9.66
CA ALA A 166 -6.62 29.03 10.60
C ALA A 166 -5.43 29.97 10.90
N LYS A 167 -4.22 29.45 11.08
CA LYS A 167 -3.03 30.30 11.36
C LYS A 167 -2.66 31.11 10.13
N LEU A 168 -3.15 30.72 8.96
CA LEU A 168 -2.92 31.46 7.69
C LEU A 168 -4.06 32.45 7.46
N GLY A 169 -5.05 32.50 8.37
CA GLY A 169 -6.16 33.45 8.32
C GLY A 169 -7.47 32.89 7.76
N VAL A 170 -7.54 31.60 7.52
CA VAL A 170 -8.79 30.93 7.07
C VAL A 170 -9.74 30.79 8.25
N ASN A 171 -11.03 31.03 8.04
CA ASN A 171 -12.14 30.76 9.00
C ASN A 171 -12.60 29.33 8.80
N VAL A 172 -12.08 28.40 9.61
CA VAL A 172 -12.27 26.94 9.42
C VAL A 172 -13.66 26.53 9.93
N GLN A 173 -14.41 25.84 9.08
CA GLN A 173 -15.80 25.37 9.29
C GLN A 173 -15.77 23.83 9.40
N VAL A 174 -16.61 23.33 10.31
CA VAL A 174 -16.77 21.89 10.65
C VAL A 174 -17.97 21.36 9.85
N LEU A 175 -17.77 20.37 8.97
CA LEU A 175 -18.88 19.65 8.26
C LEU A 175 -18.45 18.23 7.93
N PRO A 176 -19.32 17.21 8.11
CA PRO A 176 -19.12 15.89 7.50
C PRO A 176 -19.25 15.97 5.96
N GLY A 177 -18.66 14.99 5.28
CA GLY A 177 -18.51 14.98 3.82
C GLY A 177 -19.82 15.34 3.12
N GLY A 178 -20.91 14.69 3.52
CA GLY A 178 -22.26 14.76 2.91
C GLY A 178 -22.82 16.17 2.82
N GLU A 179 -22.37 17.11 3.68
CA GLU A 179 -23.04 18.43 3.89
C GLU A 179 -22.42 19.54 3.02
N ILE A 180 -21.22 19.30 2.46
CA ILE A 180 -20.33 20.35 1.87
C ILE A 180 -21.02 21.07 0.71
N TYR A 181 -21.65 20.32 -0.21
CA TYR A 181 -22.19 20.90 -1.46
C TYR A 181 -23.27 21.95 -1.15
N LEU A 182 -24.22 21.62 -0.27
CA LEU A 182 -25.34 22.54 0.10
C LEU A 182 -24.74 23.80 0.73
N ALA A 183 -23.85 23.65 1.72
CA ALA A 183 -23.11 24.75 2.38
C ALA A 183 -22.38 25.64 1.34
N LEU A 184 -21.82 25.06 0.27
CA LEU A 184 -21.11 25.84 -0.78
C LEU A 184 -22.17 26.63 -1.58
N GLU A 185 -23.26 25.98 -1.97
CA GLU A 185 -24.35 26.62 -2.77
C GLU A 185 -25.00 27.74 -1.95
N ARG A 186 -25.48 27.42 -0.74
CA ARG A 186 -26.20 28.38 0.15
C ARG A 186 -25.33 29.59 0.49
N GLY A 187 -24.02 29.57 0.24
CA GLY A 187 -23.07 30.67 0.50
C GLY A 187 -22.49 30.62 1.90
N THR A 188 -22.84 29.61 2.72
CA THR A 188 -22.29 29.36 4.09
C THR A 188 -20.75 29.36 4.05
N ILE A 189 -20.12 28.77 3.02
CA ILE A 189 -18.63 28.67 2.89
C ILE A 189 -18.20 29.11 1.50
N ASP A 190 -16.93 29.48 1.34
CA ASP A 190 -16.30 29.99 0.10
C ASP A 190 -15.37 28.93 -0.56
N ALA A 191 -15.06 27.84 0.16
CA ALA A 191 -14.03 26.82 -0.24
C ALA A 191 -14.22 25.56 0.59
N ALA A 192 -13.73 24.43 0.06
CA ALA A 192 -13.86 23.11 0.72
C ALA A 192 -12.81 22.17 0.12
N GLU A 193 -12.26 21.29 0.97
CA GLU A 193 -11.51 20.10 0.54
C GLU A 193 -12.27 18.88 1.08
N PHE A 194 -12.20 17.76 0.39
CA PHE A 194 -12.73 16.47 0.91
C PHE A 194 -11.63 15.42 0.77
N THR A 195 -11.46 14.81 -0.40
CA THR A 195 -10.42 13.76 -0.61
C THR A 195 -9.65 13.99 -1.93
N GLY A 196 -10.35 13.96 -3.05
CA GLY A 196 -9.72 14.02 -4.37
C GLY A 196 -10.78 13.97 -5.47
N PRO A 197 -10.34 13.81 -6.71
CA PRO A 197 -11.20 13.97 -7.87
C PRO A 197 -12.47 13.14 -7.81
N TYR A 198 -12.37 11.87 -7.42
CA TYR A 198 -13.51 10.95 -7.55
C TYR A 198 -14.60 11.41 -6.57
N ASP A 199 -14.30 11.48 -5.29
CA ASP A 199 -15.30 11.87 -4.24
C ASP A 199 -15.75 13.33 -4.46
N ASP A 200 -14.79 14.22 -4.76
CA ASP A 200 -15.08 15.67 -4.87
C ASP A 200 -16.10 15.84 -6.00
N GLU A 201 -15.87 15.23 -7.16
CA GLU A 201 -16.79 15.32 -8.32
C GLU A 201 -18.16 14.70 -7.93
N LYS A 202 -18.18 13.55 -7.28
CA LYS A 202 -19.43 12.82 -6.91
C LYS A 202 -20.27 13.69 -5.96
N LEU A 203 -19.65 14.42 -5.03
CA LEU A 203 -20.37 15.26 -4.04
C LEU A 203 -20.86 16.55 -4.69
N GLY A 204 -20.41 16.87 -5.92
CA GLY A 204 -20.84 18.06 -6.66
C GLY A 204 -19.93 19.24 -6.41
N LEU A 205 -18.75 19.04 -5.80
CA LEU A 205 -17.78 20.15 -5.56
C LEU A 205 -17.32 20.80 -6.87
N ALA A 206 -17.17 20.07 -7.97
CA ALA A 206 -16.69 20.68 -9.25
C ALA A 206 -17.83 21.52 -9.85
N LYS A 207 -19.08 21.27 -9.45
CA LYS A 207 -20.25 22.06 -9.92
C LYS A 207 -20.31 23.39 -9.15
N ALA A 208 -20.05 23.35 -7.84
CA ALA A 208 -20.16 24.50 -6.90
C ALA A 208 -18.95 25.44 -7.00
N ALA A 209 -17.80 24.96 -7.49
CA ALA A 209 -16.52 25.71 -7.53
C ALA A 209 -15.63 25.16 -8.66
N LYS A 210 -14.81 26.00 -9.27
CA LYS A 210 -14.07 25.65 -10.49
C LYS A 210 -12.56 25.64 -10.22
N HIS A 211 -12.12 26.14 -9.06
CA HIS A 211 -10.67 26.38 -8.78
C HIS A 211 -10.15 25.28 -7.84
N TYR A 212 -9.39 24.35 -8.40
CA TYR A 212 -8.87 23.13 -7.74
C TYR A 212 -7.35 23.25 -7.61
N TYR A 213 -6.79 23.06 -6.42
CA TYR A 213 -5.34 23.17 -6.16
C TYR A 213 -4.77 21.84 -5.68
N TYR A 214 -3.45 21.72 -5.74
CA TYR A 214 -2.68 20.60 -5.15
C TYR A 214 -1.34 21.15 -4.68
N PRO A 215 -0.60 20.43 -3.81
CA PRO A 215 -1.09 19.22 -3.17
C PRO A 215 -1.97 19.50 -1.96
N GLY A 216 -2.66 18.48 -1.44
CA GLY A 216 -3.35 18.55 -0.15
C GLY A 216 -2.37 18.22 0.96
N TRP A 217 -1.52 19.19 1.32
CA TRP A 217 -0.37 19.01 2.24
C TRP A 217 -0.85 18.64 3.66
N TRP A 218 -2.12 18.88 3.98
CA TRP A 218 -2.72 18.54 5.30
C TRP A 218 -2.93 17.03 5.45
N GLU A 219 -3.14 16.28 4.35
CA GLU A 219 -3.52 14.84 4.41
C GLU A 219 -2.78 14.02 3.34
N PRO A 220 -1.48 13.74 3.53
CA PRO A 220 -0.71 13.00 2.52
C PRO A 220 -1.05 11.50 2.43
N GLY A 221 -1.77 10.94 3.41
CA GLY A 221 -2.15 9.53 3.38
C GLY A 221 -3.03 9.16 4.57
N PRO A 222 -4.25 9.68 4.62
CA PRO A 222 -5.12 9.55 5.79
C PRO A 222 -5.78 8.18 5.96
N THR A 223 -5.52 7.59 7.12
CA THR A 223 -6.07 6.32 7.62
C THR A 223 -7.50 6.52 8.10
N LEU A 224 -8.36 5.57 7.77
CA LEU A 224 -9.66 5.37 8.44
C LEU A 224 -9.57 4.17 9.38
N MET A 225 -10.15 4.30 10.56
CA MET A 225 -10.06 3.26 11.62
C MET A 225 -11.41 2.59 11.78
N ALA A 226 -11.41 1.27 11.92
CA ALA A 226 -12.52 0.51 12.54
C ALA A 226 -12.33 0.57 14.05
N LEU A 227 -13.41 0.86 14.76
CA LEU A 227 -13.45 1.00 16.24
C LEU A 227 -14.42 -0.03 16.76
N VAL A 228 -14.04 -0.76 17.79
CA VAL A 228 -14.97 -1.71 18.49
C VAL A 228 -14.99 -1.35 19.98
N ASN A 229 -16.18 -1.32 20.56
CA ASN A 229 -16.36 -1.19 22.02
C ASN A 229 -15.54 -2.29 22.69
N ARG A 230 -14.65 -1.90 23.62
CA ARG A 230 -13.75 -2.79 24.41
C ARG A 230 -14.49 -4.05 24.90
N LYS A 231 -15.67 -3.84 25.51
CA LYS A 231 -16.45 -4.92 26.16
C LYS A 231 -17.11 -5.80 25.09
N ALA A 232 -17.69 -5.20 24.05
CA ALA A 232 -18.22 -5.94 22.87
C ALA A 232 -17.09 -6.83 22.28
N TRP A 233 -15.87 -6.29 22.19
CA TRP A 233 -14.71 -7.02 21.59
C TRP A 233 -14.36 -8.23 22.47
N SER A 234 -14.30 -8.01 23.79
CA SER A 234 -14.03 -9.06 24.83
C SER A 234 -15.01 -10.22 24.70
N ASP A 235 -16.28 -9.94 24.38
CA ASP A 235 -17.37 -10.94 24.40
C ASP A 235 -17.37 -11.72 23.08
N LEU A 236 -16.53 -11.32 22.13
CA LEU A 236 -16.45 -11.97 20.80
C LEU A 236 -15.57 -13.19 20.95
N PRO A 237 -15.97 -14.40 20.48
CA PRO A 237 -15.04 -15.52 20.45
C PRO A 237 -13.81 -15.23 19.55
N LYS A 238 -12.75 -16.00 19.79
CA LYS A 238 -11.40 -15.79 19.19
C LYS A 238 -11.53 -15.84 17.66
N GLU A 239 -12.34 -16.76 17.15
CA GLU A 239 -12.54 -16.98 15.69
C GLU A 239 -13.09 -15.68 15.03
N TYR A 240 -14.03 -15.02 15.68
CA TYR A 240 -14.74 -13.83 15.14
C TYR A 240 -13.84 -12.60 15.27
N GLN A 241 -13.01 -12.54 16.31
CA GLN A 241 -11.99 -11.50 16.46
C GLN A 241 -11.06 -11.60 15.23
N ALA A 242 -10.58 -12.78 14.92
CA ALA A 242 -9.66 -13.03 13.79
C ALA A 242 -10.34 -12.64 12.47
N MET A 243 -11.62 -12.92 12.31
CA MET A 243 -12.35 -12.59 11.05
C MET A 243 -12.40 -11.09 10.90
N PHE A 244 -12.70 -10.38 12.00
CA PHE A 244 -12.86 -8.91 11.98
C PHE A 244 -11.51 -8.24 11.69
N ARG A 245 -10.49 -8.64 12.43
CA ARG A 245 -9.09 -8.14 12.30
C ARG A 245 -8.57 -8.34 10.87
N THR A 246 -8.77 -9.53 10.32
CA THR A 246 -8.31 -9.86 8.93
C THR A 246 -9.12 -9.05 7.92
N ALA A 247 -10.42 -8.91 8.12
CA ALA A 247 -11.27 -8.14 7.19
C ALA A 247 -10.79 -6.68 7.13
N CYS A 248 -10.28 -6.13 8.24
CA CYS A 248 -9.83 -4.72 8.23
C CYS A 248 -8.58 -4.57 7.35
N TYR A 249 -7.76 -5.58 7.21
CA TYR A 249 -6.60 -5.51 6.25
C TYR A 249 -7.15 -5.39 4.83
N GLU A 250 -8.23 -6.12 4.53
CA GLU A 250 -8.83 -6.06 3.17
C GLU A 250 -9.44 -4.68 2.95
N ALA A 251 -10.21 -4.16 3.90
CA ALA A 251 -10.73 -2.77 3.85
C ALA A 251 -9.60 -1.75 3.60
N ASN A 252 -8.48 -1.87 4.30
CA ASN A 252 -7.33 -0.92 4.25
C ASN A 252 -6.66 -0.96 2.87
N LEU A 253 -6.16 -2.11 2.45
CA LEU A 253 -5.49 -2.26 1.13
C LEU A 253 -6.52 -2.09 0.00
N GLY A 254 -7.71 -2.66 0.16
CA GLY A 254 -8.76 -2.57 -0.90
C GLY A 254 -9.19 -1.13 -1.15
N MET A 255 -9.42 -0.34 -0.08
CA MET A 255 -9.84 1.09 -0.22
C MET A 255 -8.73 1.93 -0.88
N LEU A 256 -7.48 1.77 -0.46
CA LEU A 256 -6.38 2.56 -1.06
C LEU A 256 -6.31 2.29 -2.56
N SER A 257 -6.38 1.02 -2.93
CA SER A 257 -6.26 0.58 -4.33
C SER A 257 -7.46 1.14 -5.11
N ASN A 258 -8.63 1.14 -4.50
CA ASN A 258 -9.89 1.59 -5.13
C ASN A 258 -9.76 3.09 -5.39
N TYR A 259 -9.30 3.85 -4.39
CA TYR A 259 -9.13 5.31 -4.56
C TYR A 259 -8.09 5.63 -5.66
N GLU A 260 -6.99 4.91 -5.67
CA GLU A 260 -5.91 5.11 -6.69
C GLU A 260 -6.50 4.95 -8.11
N TRP A 261 -7.28 3.90 -8.31
CA TRP A 261 -7.97 3.60 -9.60
C TRP A 261 -8.98 4.70 -9.90
N ARG A 262 -9.89 4.98 -8.98
N ARG A 262 -9.89 4.97 -8.98
CA ARG A 262 -11.02 5.91 -9.25
CA ARG A 262 -11.03 5.91 -9.23
C ARG A 262 -10.51 7.35 -9.37
C ARG A 262 -10.51 7.34 -9.37
N ASN A 263 -9.53 7.76 -8.56
CA ASN A 263 -9.00 9.14 -8.64
C ASN A 263 -8.26 9.33 -9.97
N SER A 264 -7.55 8.30 -10.45
CA SER A 264 -6.78 8.34 -11.71
C SER A 264 -7.76 8.58 -12.88
N GLU A 265 -8.88 7.85 -12.92
CA GLU A 265 -9.93 8.03 -13.96
C GLU A 265 -10.59 9.42 -13.79
N ALA A 266 -11.01 9.77 -12.59
CA ALA A 266 -11.73 11.04 -12.30
C ALA A 266 -10.85 12.25 -12.65
N LEU A 267 -9.53 12.19 -12.44
CA LEU A 267 -8.63 13.30 -12.78
C LEU A 267 -8.76 13.59 -14.28
N GLN A 268 -8.73 12.54 -15.09
CA GLN A 268 -8.82 12.65 -16.56
C GLN A 268 -10.21 13.22 -16.93
N ARG A 269 -11.28 12.70 -16.31
CA ARG A 269 -12.67 13.14 -16.56
C ARG A 269 -12.82 14.64 -16.26
N ILE A 270 -12.44 15.10 -15.07
CA ILE A 270 -12.69 16.52 -14.70
C ILE A 270 -11.80 17.47 -15.52
N THR A 271 -10.60 17.09 -15.97
CA THR A 271 -9.79 17.98 -16.83
C THR A 271 -10.44 18.08 -18.21
N ARG A 272 -10.99 16.97 -18.70
CA ARG A 272 -11.69 16.94 -20.00
C ARG A 272 -12.95 17.80 -19.88
N GLN A 273 -13.58 17.82 -18.70
CA GLN A 273 -14.85 18.54 -18.48
C GLN A 273 -14.59 20.00 -18.17
N GLY A 274 -13.33 20.45 -18.08
CA GLY A 274 -13.00 21.89 -18.03
C GLY A 274 -12.31 22.37 -16.76
N ILE A 275 -12.19 21.57 -15.72
CA ILE A 275 -11.47 21.97 -14.46
C ILE A 275 -9.97 22.11 -14.71
N LYS A 276 -9.36 23.22 -14.29
CA LYS A 276 -7.90 23.45 -14.37
C LYS A 276 -7.30 23.27 -12.97
N LEU A 277 -6.31 22.38 -12.85
CA LEU A 277 -5.65 22.04 -11.59
C LEU A 277 -4.40 22.91 -11.47
N GLU A 278 -4.28 23.64 -10.37
CA GLU A 278 -3.13 24.55 -10.12
C GLU A 278 -2.33 24.05 -8.91
N ARG A 279 -1.02 24.15 -8.97
CA ARG A 279 -0.12 23.93 -7.81
C ARG A 279 -0.16 25.16 -6.88
N TYR A 280 -0.31 24.95 -5.57
CA TYR A 280 -0.17 26.04 -4.56
C TYR A 280 1.21 26.69 -4.76
N GLY A 281 1.26 28.03 -4.75
CA GLY A 281 2.52 28.79 -4.68
C GLY A 281 3.33 28.47 -3.43
N ASP A 282 4.64 28.61 -3.51
CA ASP A 282 5.58 28.40 -2.38
C ASP A 282 5.27 29.38 -1.24
N ASP A 283 4.62 30.52 -1.48
CA ASP A 283 4.30 31.46 -0.39
C ASP A 283 3.31 30.73 0.55
N ILE A 284 2.39 29.97 -0.01
CA ILE A 284 1.41 29.18 0.79
C ILE A 284 2.13 27.97 1.41
N LEU A 285 2.94 27.22 0.65
CA LEU A 285 3.57 25.98 1.12
C LEU A 285 4.57 26.30 2.24
N LYS A 286 5.36 27.36 2.10
CA LYS A 286 6.34 27.77 3.15
C LYS A 286 5.59 28.17 4.43
N ALA A 287 4.57 29.01 4.30
CA ALA A 287 3.77 29.50 5.44
C ALA A 287 3.08 28.30 6.14
N ALA A 288 2.57 27.34 5.36
CA ALA A 288 1.90 26.13 5.89
C ALA A 288 2.90 25.29 6.70
N ARG A 289 4.11 25.07 6.18
CA ARG A 289 5.13 24.22 6.84
C ARG A 289 5.48 24.86 8.20
N SER A 290 5.69 26.18 8.17
CA SER A 290 6.10 26.99 9.34
C SER A 290 4.96 26.97 10.38
N ALA A 291 3.71 27.23 9.97
CA ALA A 291 2.53 27.19 10.86
C ALA A 291 2.38 25.78 11.45
N SER A 292 2.59 24.75 10.64
CA SER A 292 2.49 23.35 11.11
C SER A 292 3.51 23.08 12.23
N ALA A 293 4.78 23.45 12.00
CA ALA A 293 5.87 23.35 13.00
C ALA A 293 5.47 24.10 14.28
N GLU A 294 4.87 25.29 14.16
CA GLU A 294 4.43 26.09 15.34
C GLU A 294 3.38 25.32 16.13
N ILE A 295 2.37 24.78 15.45
CA ILE A 295 1.24 24.05 16.08
C ILE A 295 1.78 22.82 16.81
N PHE A 296 2.74 22.09 16.23
CA PHE A 296 3.23 20.81 16.79
C PHE A 296 4.12 21.15 17.99
N GLN A 297 4.89 22.24 17.88
CA GLN A 297 5.74 22.75 18.99
C GLN A 297 4.86 23.06 20.22
N GLU A 298 3.76 23.82 20.03
CA GLU A 298 2.81 24.22 21.11
C GLU A 298 2.22 22.95 21.75
N LEU A 299 1.73 22.01 20.94
CA LEU A 299 1.09 20.77 21.43
C LEU A 299 2.11 19.94 22.20
N ALA A 300 3.35 19.90 21.73
CA ALA A 300 4.47 19.18 22.38
C ALA A 300 4.82 19.82 23.75
N ASP A 301 4.95 21.15 23.81
CA ASP A 301 5.30 21.89 25.05
C ASP A 301 4.17 21.72 26.09
N ALA A 302 2.92 21.55 25.66
CA ALA A 302 1.75 21.41 26.57
C ALA A 302 1.55 19.96 27.04
N ASP A 303 2.34 18.97 26.59
CA ASP A 303 2.04 17.53 26.88
C ASP A 303 3.22 16.64 26.52
N ALA A 304 3.85 16.00 27.53
CA ALA A 304 5.08 15.19 27.37
C ALA A 304 4.77 13.94 26.53
N GLY A 305 3.54 13.42 26.62
CA GLY A 305 3.08 12.24 25.88
C GLY A 305 2.98 12.54 24.39
N PHE A 306 2.35 13.66 24.04
CA PHE A 306 2.29 14.20 22.66
C PHE A 306 3.73 14.43 22.16
N LYS A 307 4.56 15.11 22.96
CA LYS A 307 5.97 15.40 22.59
C LYS A 307 6.67 14.09 22.25
N ALA A 308 6.58 13.08 23.11
CA ALA A 308 7.32 11.80 22.96
C ALA A 308 6.84 11.12 21.67
N LEU A 309 5.53 11.05 21.45
CA LEU A 309 4.92 10.44 20.23
C LEU A 309 5.40 11.20 18.98
N LEU A 310 5.36 12.53 19.00
CA LEU A 310 5.84 13.39 17.89
C LEU A 310 7.30 13.07 17.58
N GLU A 311 8.16 12.89 18.58
CA GLU A 311 9.59 12.62 18.30
C GLU A 311 9.77 11.20 17.74
N ARG A 312 9.06 10.18 18.24
CA ARG A 312 9.14 8.79 17.69
C ARG A 312 8.66 8.80 16.23
N TRP A 313 7.58 9.50 15.96
CA TRP A 313 6.95 9.54 14.61
C TRP A 313 7.88 10.30 13.68
N ARG A 314 8.53 11.38 14.16
CA ARG A 314 9.42 12.21 13.30
C ARG A 314 10.61 11.38 12.87
N LEU A 315 11.10 10.54 13.78
CA LEU A 315 12.25 9.67 13.51
C LEU A 315 11.83 8.59 12.50
N PHE A 316 10.69 7.95 12.71
CA PHE A 316 10.15 6.98 11.73
C PHE A 316 10.07 7.66 10.36
N ARG A 317 9.49 8.87 10.30
CA ARG A 317 9.32 9.65 9.04
C ARG A 317 10.66 9.92 8.34
N ARG A 318 11.65 10.43 9.07
CA ARG A 318 13.00 10.64 8.50
C ARG A 318 13.55 9.32 7.92
N ASP A 319 13.49 8.22 8.67
CA ASP A 319 14.13 6.95 8.22
C ASP A 319 13.41 6.40 6.98
N THR A 320 12.08 6.43 6.98
CA THR A 320 11.29 5.83 5.87
C THR A 320 11.46 6.72 4.63
N ARG A 321 11.52 8.05 4.79
CA ARG A 321 11.72 8.96 3.61
C ARG A 321 13.11 8.68 3.01
N ARG A 322 14.12 8.45 3.85
CA ARG A 322 15.50 8.14 3.36
C ARG A 322 15.46 6.85 2.56
N TRP A 323 14.74 5.84 3.06
CA TRP A 323 14.56 4.55 2.33
C TRP A 323 13.83 4.82 0.99
N ASN A 324 12.71 5.52 1.00
CA ASN A 324 11.91 5.71 -0.26
C ASN A 324 12.63 6.65 -1.26
N ASN A 325 13.52 7.53 -0.80
CA ASN A 325 14.38 8.38 -1.67
C ASN A 325 15.28 7.51 -2.51
N ILE A 326 15.58 6.29 -2.07
CA ILE A 326 16.48 5.33 -2.78
C ILE A 326 15.68 4.30 -3.58
N ASN A 327 14.66 3.71 -2.98
CA ASN A 327 13.99 2.51 -3.55
C ASN A 327 12.79 2.88 -4.43
N GLU A 328 12.27 4.11 -4.36
CA GLU A 328 11.06 4.49 -5.14
C GLU A 328 11.19 5.82 -5.92
N LEU A 329 11.62 6.90 -5.26
CA LEU A 329 11.60 8.25 -5.84
C LEU A 329 12.33 8.26 -7.20
N PRO A 330 13.50 7.59 -7.39
CA PRO A 330 14.22 7.71 -8.67
C PRO A 330 13.39 7.28 -9.90
N LEU A 331 12.56 6.24 -9.76
CA LEU A 331 11.71 5.76 -10.90
C LEU A 331 10.47 6.64 -11.01
N ALA A 332 9.97 7.20 -9.91
CA ALA A 332 8.78 8.08 -9.94
C ALA A 332 9.10 9.36 -10.73
N GLU A 333 10.32 9.89 -10.65
CA GLU A 333 10.63 11.21 -11.25
C GLU A 333 11.24 11.04 -12.65
N PHE A 334 11.75 9.87 -13.01
CA PHE A 334 12.37 9.57 -14.34
C PHE A 334 11.27 9.17 -15.34
N ASP A 335 11.06 9.96 -16.41
CA ASP A 335 9.95 9.77 -17.40
C ASP A 335 10.44 8.87 -18.55
N GLY B 7 -22.12 -29.03 10.66
CA GLY B 7 -20.65 -29.20 10.55
C GLY B 7 -20.16 -28.74 9.19
N LEU B 8 -19.25 -27.78 9.16
CA LEU B 8 -18.35 -27.54 7.99
C LEU B 8 -17.22 -28.55 8.06
N PRO B 9 -16.69 -29.03 6.90
CA PRO B 9 -15.63 -30.02 6.92
C PRO B 9 -14.33 -29.59 7.62
N GLN B 10 -13.59 -30.61 8.04
CA GLN B 10 -12.16 -30.57 8.45
C GLN B 10 -11.34 -30.68 7.15
N VAL B 11 -10.85 -29.55 6.66
CA VAL B 11 -10.00 -29.47 5.44
C VAL B 11 -8.56 -29.45 5.93
N ARG B 12 -7.72 -30.29 5.32
CA ARG B 12 -6.26 -30.36 5.57
C ARG B 12 -5.59 -30.23 4.21
N TRP B 13 -4.87 -29.13 4.00
CA TRP B 13 -4.14 -28.83 2.73
C TRP B 13 -2.64 -28.74 3.01
N ARG B 14 -1.86 -28.78 1.94
CA ARG B 14 -0.42 -28.46 1.95
C ARG B 14 -0.20 -27.28 1.00
N MET B 15 0.70 -26.37 1.36
CA MET B 15 1.09 -25.21 0.53
C MET B 15 2.59 -25.37 0.22
N ALA B 16 2.91 -25.59 -1.03
CA ALA B 16 4.29 -25.59 -1.54
C ALA B 16 4.75 -24.14 -1.76
N THR B 17 5.90 -23.74 -1.21
CA THR B 17 6.43 -22.38 -1.41
C THR B 17 7.73 -22.39 -2.20
N SER B 18 8.06 -21.24 -2.78
CA SER B 18 9.29 -21.04 -3.59
C SER B 18 10.45 -20.63 -2.68
N TRP B 19 10.25 -20.58 -1.36
CA TRP B 19 11.17 -19.84 -0.43
C TRP B 19 11.86 -20.79 0.54
N PRO B 20 13.15 -20.56 0.84
CA PRO B 20 13.77 -21.14 2.03
C PRO B 20 13.20 -20.45 3.27
N ILE B 21 13.16 -21.12 4.42
CA ILE B 21 12.59 -20.49 5.66
C ILE B 21 13.49 -19.30 6.08
N SER B 22 14.74 -19.25 5.63
CA SER B 22 15.68 -18.13 5.96
C SER B 22 15.24 -16.84 5.26
N LEU B 23 14.48 -16.94 4.17
CA LEU B 23 13.87 -15.74 3.51
C LEU B 23 12.56 -15.38 4.24
N ASP B 24 12.64 -14.85 5.46
CA ASP B 24 11.53 -15.04 6.43
C ASP B 24 10.39 -14.05 6.17
N THR B 25 10.67 -12.88 5.58
CA THR B 25 9.61 -11.88 5.35
C THR B 25 8.66 -12.46 4.30
N ILE B 26 9.22 -13.12 3.29
CA ILE B 26 8.40 -13.69 2.18
C ILE B 26 7.80 -15.01 2.65
N TYR B 27 8.59 -15.92 3.24
CA TYR B 27 8.02 -17.18 3.78
C TYR B 27 6.89 -16.83 4.76
N GLY B 28 7.08 -15.74 5.52
CA GLY B 28 6.07 -15.17 6.44
C GLY B 28 4.70 -14.93 5.82
N GLY B 29 4.63 -14.50 4.56
CA GLY B 29 3.37 -14.36 3.80
C GLY B 29 2.58 -15.65 3.70
N ALA B 30 3.23 -16.74 3.30
CA ALA B 30 2.67 -18.10 3.32
C ALA B 30 2.20 -18.47 4.73
N VAL B 31 3.04 -18.21 5.74
CA VAL B 31 2.70 -18.57 7.15
C VAL B 31 1.46 -17.81 7.57
N THR B 32 1.38 -16.53 7.21
CA THR B 32 0.24 -15.66 7.59
C THR B 32 -1.04 -16.30 7.07
N ILE B 33 -1.06 -16.68 5.80
CA ILE B 33 -2.29 -17.27 5.19
C ILE B 33 -2.66 -18.55 5.95
N CYS B 34 -1.71 -19.44 6.19
CA CYS B 34 -1.93 -20.75 6.89
C CYS B 34 -2.43 -20.52 8.33
N GLN B 35 -1.77 -19.66 9.10
CA GLN B 35 -2.18 -19.36 10.49
C GLN B 35 -3.57 -18.72 10.49
N ARG B 36 -3.81 -17.76 9.63
CA ARG B 36 -5.08 -17.01 9.71
C ARG B 36 -6.27 -17.89 9.35
N VAL B 37 -6.21 -18.79 8.37
CA VAL B 37 -7.42 -19.62 8.06
C VAL B 37 -7.67 -20.60 9.23
N GLU B 38 -6.62 -21.06 9.91
CA GLU B 38 -6.72 -21.95 11.09
C GLU B 38 -7.41 -21.18 12.23
N GLU B 39 -6.97 -19.96 12.53
CA GLU B 39 -7.56 -19.11 13.57
C GLU B 39 -9.04 -18.82 13.27
N MET B 40 -9.37 -18.39 12.06
CA MET B 40 -10.76 -17.97 11.71
C MET B 40 -11.70 -19.18 11.71
N SER B 41 -11.21 -20.37 11.35
CA SER B 41 -12.02 -21.61 11.23
C SER B 41 -12.04 -22.41 12.55
N GLY B 42 -11.39 -21.92 13.60
CA GLY B 42 -11.16 -22.66 14.87
C GLY B 42 -10.51 -24.02 14.67
N GLY B 43 -9.58 -24.15 13.70
CA GLY B 43 -8.82 -25.39 13.44
C GLY B 43 -9.47 -26.32 12.43
N ALA B 44 -10.66 -25.99 11.94
CA ALA B 44 -11.38 -26.83 10.96
C ALA B 44 -10.70 -26.75 9.56
N PHE B 45 -10.08 -25.62 9.21
CA PHE B 45 -9.35 -25.46 7.93
C PHE B 45 -7.86 -25.23 8.24
N ARG B 46 -7.02 -26.25 8.00
CA ARG B 46 -5.58 -26.14 8.23
C ARG B 46 -4.84 -26.27 6.90
N ILE B 47 -3.76 -25.51 6.78
CA ILE B 47 -2.81 -25.57 5.64
C ILE B 47 -1.41 -25.66 6.23
N GLU B 48 -0.66 -26.64 5.78
CA GLU B 48 0.75 -26.86 6.19
C GLU B 48 1.66 -26.25 5.14
N PRO B 49 2.47 -25.24 5.49
CA PRO B 49 3.40 -24.65 4.53
C PRO B 49 4.69 -25.45 4.47
N PHE B 50 5.35 -25.45 3.31
CA PHE B 50 6.62 -26.15 3.11
C PHE B 50 7.60 -25.19 2.42
N ALA B 51 8.85 -25.22 2.88
CA ALA B 51 9.98 -24.51 2.24
C ALA B 51 10.27 -25.16 0.89
N ALA B 52 10.85 -24.36 0.00
CA ALA B 52 11.37 -24.79 -1.31
C ALA B 52 12.17 -26.09 -1.16
N GLY B 53 11.89 -27.09 -2.02
CA GLY B 53 12.62 -28.37 -2.06
C GLY B 53 12.04 -29.44 -1.16
N GLU B 54 11.31 -29.10 -0.08
CA GLU B 54 10.85 -30.07 0.95
C GLU B 54 9.87 -31.08 0.34
N ILE B 55 8.90 -30.63 -0.44
CA ILE B 55 8.01 -31.56 -1.18
C ILE B 55 8.03 -31.26 -2.67
N VAL B 56 8.42 -30.05 -3.06
CA VAL B 56 8.39 -29.59 -4.47
C VAL B 56 9.55 -28.63 -4.67
N PRO B 57 10.32 -28.71 -5.77
CA PRO B 57 11.34 -27.70 -6.04
C PRO B 57 10.71 -26.29 -6.12
N GLY B 58 11.43 -25.28 -5.65
CA GLY B 58 10.92 -23.88 -5.56
C GLY B 58 10.41 -23.33 -6.88
N LEU B 59 11.02 -23.70 -8.03
CA LEU B 59 10.61 -23.23 -9.37
C LEU B 59 9.49 -24.08 -9.97
N GLU B 60 8.98 -25.06 -9.24
CA GLU B 60 7.93 -25.95 -9.79
C GLU B 60 6.64 -25.87 -8.94
N VAL B 61 6.42 -24.78 -8.20
CA VAL B 61 5.17 -24.62 -7.41
C VAL B 61 3.96 -24.69 -8.33
N LEU B 62 3.95 -23.98 -9.46
CA LEU B 62 2.79 -23.96 -10.38
C LEU B 62 2.51 -25.37 -10.91
N ASP B 63 3.55 -26.06 -11.38
CA ASP B 63 3.47 -27.48 -11.86
C ASP B 63 2.81 -28.37 -10.79
N ALA B 64 3.23 -28.24 -9.52
CA ALA B 64 2.67 -29.07 -8.41
C ALA B 64 1.21 -28.71 -8.17
N VAL B 65 0.87 -27.41 -8.26
CA VAL B 65 -0.53 -26.95 -8.04
C VAL B 65 -1.40 -27.46 -9.19
N GLN B 66 -0.93 -27.34 -10.42
CA GLN B 66 -1.64 -27.84 -11.61
C GLN B 66 -1.97 -29.33 -11.47
N ALA B 67 -0.96 -30.15 -11.13
CA ALA B 67 -1.12 -31.61 -10.96
C ALA B 67 -1.95 -31.94 -9.71
N ARG B 68 -2.19 -30.98 -8.82
CA ARG B 68 -2.85 -31.20 -7.51
C ARG B 68 -2.01 -32.14 -6.64
N SER B 69 -0.69 -32.19 -6.81
CA SER B 69 0.17 -32.90 -5.84
C SER B 69 0.20 -32.11 -4.52
N VAL B 70 -0.08 -30.80 -4.58
CA VAL B 70 -0.46 -29.94 -3.42
C VAL B 70 -1.72 -29.18 -3.84
N GLU B 71 -2.48 -28.71 -2.88
CA GLU B 71 -3.73 -27.95 -3.13
C GLU B 71 -3.37 -26.48 -3.42
N CYS B 72 -2.29 -25.96 -2.83
CA CYS B 72 -2.00 -24.51 -2.98
C CYS B 72 -0.49 -24.24 -2.89
N GLY B 73 -0.11 -23.03 -3.25
CA GLY B 73 1.29 -22.64 -3.38
C GLY B 73 1.47 -21.18 -3.09
N HIS B 74 2.71 -20.76 -2.88
CA HIS B 74 3.08 -19.34 -2.68
C HIS B 74 4.37 -19.16 -3.45
N THR B 75 4.35 -18.29 -4.45
CA THR B 75 5.42 -18.23 -5.49
C THR B 75 5.39 -16.85 -6.15
N ALA B 76 6.19 -16.67 -7.19
CA ALA B 76 6.27 -15.43 -7.97
C ALA B 76 5.82 -15.83 -9.38
N SER B 77 4.83 -15.15 -9.92
CA SER B 77 4.35 -15.45 -11.28
C SER B 77 5.52 -15.38 -12.27
N TYR B 78 6.54 -14.55 -12.07
CA TYR B 78 7.59 -14.38 -13.13
C TYR B 78 8.57 -15.58 -13.15
N TYR B 79 8.44 -16.55 -12.26
CA TYR B 79 9.23 -17.81 -12.36
C TYR B 79 8.71 -18.69 -13.52
N TYR B 80 7.55 -18.36 -14.08
CA TYR B 80 6.87 -19.19 -15.11
C TYR B 80 6.83 -18.47 -16.46
N ILE B 81 7.72 -17.49 -16.71
CA ILE B 81 7.75 -16.74 -18.00
C ILE B 81 8.11 -17.69 -19.16
N GLY B 82 8.86 -18.77 -18.91
CA GLY B 82 9.10 -19.83 -19.91
C GLY B 82 7.81 -20.51 -20.35
N LYS B 83 6.80 -20.60 -19.48
CA LYS B 83 5.48 -21.18 -19.85
C LYS B 83 4.60 -20.12 -20.53
N ASN B 84 4.71 -18.87 -20.10
CA ASN B 84 3.93 -17.78 -20.75
C ASN B 84 4.54 -16.46 -20.32
N PRO B 85 5.18 -15.71 -21.24
CA PRO B 85 5.89 -14.48 -20.86
C PRO B 85 4.96 -13.44 -20.21
N ALA B 86 3.65 -13.51 -20.48
CA ALA B 86 2.62 -12.63 -19.89
C ALA B 86 2.59 -12.75 -18.35
N PHE B 87 3.05 -13.88 -17.77
CA PHE B 87 3.14 -14.04 -16.29
C PHE B 87 4.07 -12.97 -15.68
N ALA B 88 4.98 -12.35 -16.47
CA ALA B 88 5.94 -11.33 -15.96
C ALA B 88 5.21 -10.18 -15.22
N PHE B 89 4.08 -9.73 -15.75
CA PHE B 89 3.37 -8.53 -15.27
C PHE B 89 2.81 -8.78 -13.87
N GLY B 90 2.51 -10.04 -13.54
CA GLY B 90 1.92 -10.42 -12.24
C GLY B 90 2.95 -10.38 -11.12
N THR B 91 4.24 -10.17 -11.43
CA THR B 91 5.29 -10.01 -10.41
C THR B 91 5.78 -8.58 -10.54
N ALA B 92 6.65 -8.32 -11.52
CA ALA B 92 7.18 -6.98 -11.80
C ALA B 92 7.88 -7.01 -13.15
N VAL B 93 7.87 -5.89 -13.86
CA VAL B 93 8.67 -5.80 -15.12
C VAL B 93 9.58 -4.57 -15.00
N PRO B 94 10.71 -4.53 -15.73
CA PRO B 94 11.61 -3.39 -15.64
C PRO B 94 10.88 -2.10 -15.99
N PHE B 95 11.15 -1.04 -15.23
CA PHE B 95 10.52 0.30 -15.34
C PHE B 95 9.00 0.16 -15.25
N GLY B 96 8.54 -0.81 -14.47
CA GLY B 96 7.11 -1.10 -14.34
C GLY B 96 6.47 -0.35 -13.21
N LEU B 97 5.65 -1.06 -12.44
CA LEU B 97 4.78 -0.44 -11.42
C LEU B 97 5.50 -0.47 -10.06
N SER B 98 5.38 0.64 -9.31
CA SER B 98 5.62 0.67 -7.84
C SER B 98 4.69 -0.35 -7.17
N ALA B 99 5.04 -0.84 -5.99
CA ALA B 99 4.19 -1.79 -5.19
C ALA B 99 2.76 -1.25 -5.08
N GLN B 100 2.59 0.06 -4.81
CA GLN B 100 1.24 0.62 -4.62
C GLN B 100 0.46 0.62 -5.94
N GLN B 101 1.12 0.98 -7.03
CA GLN B 101 0.56 0.90 -8.40
C GLN B 101 0.24 -0.54 -8.79
N GLN B 102 1.13 -1.48 -8.45
CA GLN B 102 0.98 -2.92 -8.75
C GLN B 102 -0.31 -3.43 -8.06
N ASN B 103 -0.51 -3.12 -6.79
CA ASN B 103 -1.74 -3.50 -6.05
C ASN B 103 -2.97 -2.84 -6.70
N THR B 104 -2.88 -1.57 -7.08
CA THR B 104 -3.99 -0.87 -7.78
C THR B 104 -4.32 -1.63 -9.07
N TRP B 105 -3.30 -1.93 -9.87
CA TRP B 105 -3.45 -2.65 -11.16
C TRP B 105 -4.12 -4.01 -10.89
N LEU B 106 -3.59 -4.79 -9.92
CA LEU B 106 -4.17 -6.13 -9.67
C LEU B 106 -5.62 -6.02 -9.21
N TYR B 107 -5.90 -5.19 -8.21
CA TYR B 107 -7.23 -5.27 -7.53
C TYR B 107 -8.33 -4.59 -8.37
N TYR B 108 -8.03 -3.51 -9.08
CA TYR B 108 -9.03 -2.64 -9.72
C TYR B 108 -8.70 -2.38 -11.19
N GLY B 109 -7.45 -2.49 -11.61
CA GLY B 109 -7.06 -2.12 -12.99
C GLY B 109 -7.22 -3.26 -14.00
N GLY B 110 -7.67 -4.43 -13.58
CA GLY B 110 -7.82 -5.60 -14.48
C GLY B 110 -6.71 -6.63 -14.33
N GLY B 111 -5.68 -6.40 -13.51
CA GLY B 111 -4.53 -7.31 -13.37
C GLY B 111 -4.92 -8.67 -12.81
N ASN B 112 -5.74 -8.73 -11.75
CA ASN B 112 -6.12 -10.05 -11.15
C ASN B 112 -6.90 -10.88 -12.19
N GLU B 113 -7.70 -10.22 -13.03
CA GLU B 113 -8.49 -10.92 -14.09
C GLU B 113 -7.52 -11.43 -15.17
N ASP B 114 -6.57 -10.60 -15.60
CA ASP B 114 -5.54 -11.03 -16.57
C ASP B 114 -4.77 -12.23 -16.02
N MET B 115 -4.30 -12.16 -14.78
CA MET B 115 -3.43 -13.22 -14.21
C MET B 115 -4.26 -14.48 -14.00
N ASN B 116 -5.52 -14.36 -13.57
CA ASN B 116 -6.38 -15.55 -13.37
C ASN B 116 -6.68 -16.22 -14.74
N ALA B 117 -6.75 -15.47 -15.83
CA ALA B 117 -7.00 -16.06 -17.17
C ALA B 117 -5.76 -16.86 -17.59
N LEU B 118 -4.56 -16.41 -17.25
CA LEU B 118 -3.30 -17.14 -17.54
C LEU B 118 -3.23 -18.38 -16.63
N PHE B 119 -3.52 -18.24 -15.34
CA PHE B 119 -3.40 -19.39 -14.42
C PHE B 119 -4.49 -20.44 -14.72
N ALA B 120 -5.61 -20.04 -15.32
CA ALA B 120 -6.74 -20.96 -15.65
C ALA B 120 -6.22 -22.00 -16.65
N ASP B 121 -5.28 -21.63 -17.52
CA ASP B 121 -4.62 -22.55 -18.49
C ASP B 121 -3.90 -23.70 -17.75
N PHE B 122 -3.48 -23.49 -16.49
CA PHE B 122 -2.70 -24.45 -15.68
C PHE B 122 -3.51 -24.94 -14.49
N GLY B 123 -4.84 -24.82 -14.57
CA GLY B 123 -5.76 -25.38 -13.56
C GLY B 123 -5.67 -24.66 -12.22
N ALA B 124 -5.30 -23.40 -12.22
CA ALA B 124 -5.03 -22.67 -10.96
C ALA B 124 -5.78 -21.36 -10.90
N VAL B 125 -6.05 -20.90 -9.67
CA VAL B 125 -6.57 -19.54 -9.39
C VAL B 125 -5.48 -18.83 -8.56
N SER B 126 -5.37 -17.50 -8.74
CA SER B 126 -4.27 -16.70 -8.13
C SER B 126 -4.84 -15.59 -7.26
N PHE B 127 -4.09 -15.19 -6.23
CA PHE B 127 -4.41 -14.10 -5.27
C PHE B 127 -3.15 -13.34 -4.93
N PRO B 128 -3.14 -11.99 -4.95
CA PRO B 128 -1.96 -11.28 -4.47
C PRO B 128 -1.72 -11.66 -3.00
N ALA B 129 -0.46 -11.89 -2.62
CA ALA B 129 -0.15 -12.44 -1.28
C ALA B 129 1.25 -12.01 -0.82
N GLY B 130 1.67 -10.80 -1.20
CA GLY B 130 2.94 -10.20 -0.77
C GLY B 130 3.53 -9.26 -1.81
N ASN B 131 4.41 -8.39 -1.33
CA ASN B 131 5.26 -7.53 -2.16
C ASN B 131 6.54 -7.28 -1.38
N THR B 132 7.69 -7.22 -2.06
CA THR B 132 8.98 -6.88 -1.41
C THR B 132 9.12 -5.35 -1.33
N GLY B 133 8.29 -4.61 -2.08
CA GLY B 133 8.55 -3.20 -2.32
C GLY B 133 9.72 -3.04 -3.27
N GLY B 134 10.03 -1.79 -3.62
CA GLY B 134 11.09 -1.52 -4.62
C GLY B 134 12.39 -2.14 -4.18
N GLN B 135 13.08 -2.84 -5.09
CA GLN B 135 14.36 -3.51 -4.79
C GLN B 135 15.54 -2.58 -5.14
N LEU B 136 16.74 -2.82 -4.62
CA LEU B 136 17.93 -1.97 -4.95
C LEU B 136 18.72 -2.58 -6.10
N GLY B 137 19.80 -1.89 -6.51
CA GLY B 137 20.50 -2.13 -7.79
C GLY B 137 21.62 -3.12 -7.69
N GLY B 138 21.79 -3.75 -6.54
CA GLY B 138 22.81 -4.77 -6.31
C GLY B 138 24.18 -4.24 -5.92
N TRP B 139 25.07 -5.18 -5.63
CA TRP B 139 26.35 -4.99 -4.92
C TRP B 139 27.50 -5.16 -5.90
N PHE B 140 28.46 -4.23 -5.90
CA PHE B 140 29.61 -4.18 -6.85
C PHE B 140 30.92 -4.00 -6.05
N LYS B 141 31.90 -4.89 -6.27
CA LYS B 141 33.20 -4.85 -5.54
C LYS B 141 33.90 -3.53 -5.87
N LYS B 142 33.85 -3.14 -7.15
CA LYS B 142 34.46 -1.91 -7.70
C LYS B 142 33.34 -1.02 -8.23
N PRO B 143 33.45 0.31 -8.09
CA PRO B 143 32.43 1.22 -8.58
C PRO B 143 32.39 1.18 -10.11
N ILE B 144 31.21 1.37 -10.67
CA ILE B 144 30.94 1.38 -12.13
C ILE B 144 31.35 2.77 -12.62
N GLN B 145 32.11 2.86 -13.73
CA GLN B 145 32.57 4.17 -14.29
C GLN B 145 31.51 4.69 -15.26
N ASN B 146 30.93 3.80 -16.06
CA ASN B 146 30.01 4.21 -17.15
C ASN B 146 29.36 2.95 -17.72
N LEU B 147 28.49 3.12 -18.73
CA LEU B 147 27.77 2.00 -19.37
C LEU B 147 28.75 0.91 -19.85
N ALA B 148 29.90 1.30 -20.41
CA ALA B 148 30.91 0.35 -20.97
C ALA B 148 31.55 -0.47 -19.83
N SER B 149 31.56 0.02 -18.59
CA SER B 149 32.06 -0.77 -17.42
C SER B 149 31.25 -2.05 -17.25
N LEU B 150 29.99 -2.10 -17.72
CA LEU B 150 29.11 -3.31 -17.60
C LEU B 150 29.52 -4.39 -18.60
N GLN B 151 30.21 -4.03 -19.67
CA GLN B 151 30.63 -5.02 -20.71
C GLN B 151 31.58 -6.05 -20.07
N GLY B 152 31.19 -7.32 -20.07
CA GLY B 152 32.01 -8.44 -19.57
C GLY B 152 31.93 -8.62 -18.06
N LEU B 153 31.30 -7.69 -17.33
CA LEU B 153 31.12 -7.77 -15.85
C LEU B 153 30.28 -9.00 -15.51
N LYS B 154 30.74 -9.82 -14.57
CA LYS B 154 30.04 -11.06 -14.14
C LYS B 154 29.09 -10.70 -13.00
N MET B 155 27.77 -10.81 -13.24
CA MET B 155 26.74 -10.35 -12.28
C MET B 155 25.69 -11.43 -12.07
N ARG B 156 25.39 -11.76 -10.81
CA ARG B 156 24.18 -12.53 -10.44
C ARG B 156 22.96 -11.62 -10.53
N ILE B 157 22.05 -11.91 -11.45
CA ILE B 157 20.75 -11.19 -11.58
C ILE B 157 19.83 -12.05 -12.43
N PRO B 158 18.70 -12.50 -11.88
CA PRO B 158 17.80 -13.40 -12.61
C PRO B 158 16.70 -12.71 -13.42
N GLY B 159 15.92 -13.49 -14.17
CA GLY B 159 14.68 -13.05 -14.82
C GLY B 159 14.94 -12.09 -15.96
N LEU B 160 13.91 -11.32 -16.34
CA LEU B 160 13.93 -10.29 -17.41
C LEU B 160 14.97 -9.20 -17.11
N GLY B 161 15.24 -8.95 -15.84
CA GLY B 161 16.33 -8.05 -15.40
C GLY B 161 17.66 -8.53 -15.96
N GLY B 162 17.95 -9.81 -15.80
CA GLY B 162 19.17 -10.45 -16.35
C GLY B 162 19.21 -10.34 -17.87
N LYS B 163 18.09 -10.58 -18.56
CA LYS B 163 18.01 -10.42 -20.03
C LYS B 163 18.32 -8.98 -20.41
N VAL B 164 17.81 -8.00 -19.64
CA VAL B 164 18.08 -6.58 -20.00
C VAL B 164 19.59 -6.38 -19.80
N MET B 165 20.13 -6.83 -18.67
CA MET B 165 21.56 -6.61 -18.32
C MET B 165 22.45 -7.31 -19.36
N ALA B 166 22.05 -8.49 -19.84
CA ALA B 166 22.73 -9.23 -20.95
C ALA B 166 22.81 -8.34 -22.20
N LYS B 167 21.74 -7.62 -22.55
CA LYS B 167 21.72 -6.77 -23.77
C LYS B 167 22.67 -5.58 -23.56
N LEU B 168 23.03 -5.28 -22.31
CA LEU B 168 23.97 -4.19 -21.97
C LEU B 168 25.41 -4.73 -21.95
N GLY B 169 25.58 -6.03 -22.16
CA GLY B 169 26.89 -6.69 -22.25
C GLY B 169 27.30 -7.40 -20.97
N VAL B 170 26.43 -7.47 -19.96
CA VAL B 170 26.75 -8.12 -18.65
C VAL B 170 26.84 -9.64 -18.88
N ASN B 171 27.84 -10.27 -18.27
CA ASN B 171 28.04 -11.74 -18.28
C ASN B 171 27.22 -12.30 -17.11
N VAL B 172 25.98 -12.73 -17.39
CA VAL B 172 24.96 -13.11 -16.40
C VAL B 172 25.38 -14.44 -15.78
N GLN B 173 25.46 -14.45 -14.45
CA GLN B 173 25.79 -15.64 -13.62
C GLN B 173 24.52 -16.07 -12.90
N VAL B 174 24.21 -17.36 -12.96
CA VAL B 174 23.06 -17.97 -12.23
C VAL B 174 23.63 -18.57 -10.94
N LEU B 175 23.14 -18.11 -9.78
CA LEU B 175 23.53 -18.60 -8.43
C LEU B 175 22.33 -18.52 -7.50
N PRO B 176 22.16 -19.48 -6.54
CA PRO B 176 21.15 -19.32 -5.49
C PRO B 176 21.49 -18.17 -4.53
N GLY B 177 20.49 -17.68 -3.80
CA GLY B 177 20.66 -16.68 -2.72
C GLY B 177 21.83 -17.03 -1.82
N GLY B 178 21.84 -18.27 -1.31
CA GLY B 178 22.79 -18.76 -0.28
C GLY B 178 24.23 -18.71 -0.77
N GLU B 179 24.45 -18.74 -2.08
CA GLU B 179 25.79 -19.00 -2.69
C GLU B 179 26.50 -17.69 -3.06
N ILE B 180 25.79 -16.55 -3.08
CA ILE B 180 26.30 -15.29 -3.69
C ILE B 180 27.50 -14.75 -2.92
N TYR B 181 27.45 -14.82 -1.58
CA TYR B 181 28.52 -14.30 -0.70
C TYR B 181 29.89 -14.92 -1.08
N LEU B 182 29.93 -16.26 -1.13
CA LEU B 182 31.18 -17.04 -1.35
C LEU B 182 31.72 -16.63 -2.74
N ALA B 183 30.86 -16.68 -3.76
CA ALA B 183 31.14 -16.30 -5.16
C ALA B 183 31.74 -14.88 -5.23
N LEU B 184 31.23 -13.94 -4.44
CA LEU B 184 31.77 -12.55 -4.42
C LEU B 184 33.18 -12.58 -3.81
N GLU B 185 33.35 -13.24 -2.65
CA GLU B 185 34.64 -13.35 -1.95
C GLU B 185 35.69 -14.04 -2.86
N ARG B 186 35.38 -15.25 -3.35
CA ARG B 186 36.26 -16.09 -4.23
C ARG B 186 36.76 -15.34 -5.46
N GLY B 187 36.08 -14.27 -5.89
CA GLY B 187 36.34 -13.57 -7.18
C GLY B 187 35.63 -14.21 -8.37
N THR B 188 34.80 -15.25 -8.16
CA THR B 188 33.98 -15.93 -9.20
C THR B 188 33.10 -14.90 -9.95
N ILE B 189 32.50 -13.92 -9.23
CA ILE B 189 31.62 -12.86 -9.81
C ILE B 189 32.10 -11.51 -9.30
N ASP B 190 31.77 -10.44 -10.04
CA ASP B 190 32.15 -9.03 -9.73
C ASP B 190 31.01 -8.29 -9.00
N ALA B 191 29.76 -8.79 -9.12
CA ALA B 191 28.54 -8.08 -8.66
C ALA B 191 27.36 -9.04 -8.48
N ALA B 192 26.36 -8.64 -7.69
CA ALA B 192 25.14 -9.44 -7.43
C ALA B 192 24.01 -8.56 -6.86
N GLU B 193 22.77 -8.82 -7.28
CA GLU B 193 21.54 -8.24 -6.68
C GLU B 193 20.73 -9.37 -6.04
N PHE B 194 19.96 -9.06 -5.00
CA PHE B 194 19.00 -9.99 -4.37
C PHE B 194 17.66 -9.26 -4.16
N THR B 195 17.47 -8.49 -3.07
CA THR B 195 16.19 -7.75 -2.85
C THR B 195 16.45 -6.35 -2.29
N GLY B 196 17.09 -6.26 -1.14
CA GLY B 196 17.32 -4.97 -0.50
C GLY B 196 18.07 -5.15 0.80
N PRO B 197 18.22 -4.06 1.56
CA PRO B 197 19.14 -4.05 2.69
C PRO B 197 18.89 -5.16 3.70
N TYR B 198 17.64 -5.45 4.04
CA TYR B 198 17.34 -6.44 5.10
C TYR B 198 17.87 -7.83 4.69
N ASP B 199 17.44 -8.36 3.55
CA ASP B 199 17.83 -9.71 3.08
C ASP B 199 19.32 -9.69 2.70
N ASP B 200 19.76 -8.65 2.01
CA ASP B 200 21.16 -8.55 1.45
C ASP B 200 22.18 -8.54 2.61
N GLU B 201 21.86 -7.87 3.71
CA GLU B 201 22.73 -7.81 4.92
C GLU B 201 22.81 -9.20 5.52
N LYS B 202 21.69 -9.92 5.63
CA LYS B 202 21.68 -11.29 6.22
C LYS B 202 22.56 -12.23 5.40
N LEU B 203 22.62 -12.06 4.08
CA LEU B 203 23.47 -12.91 3.18
C LEU B 203 24.96 -12.53 3.25
N GLY B 204 25.31 -11.43 3.92
CA GLY B 204 26.71 -11.00 4.12
C GLY B 204 27.21 -10.08 3.01
N LEU B 205 26.30 -9.56 2.19
CA LEU B 205 26.70 -8.86 0.94
C LEU B 205 27.35 -7.51 1.29
N ALA B 206 26.99 -6.89 2.41
CA ALA B 206 27.62 -5.64 2.87
C ALA B 206 29.10 -5.88 3.28
N LYS B 207 29.44 -7.11 3.67
CA LYS B 207 30.83 -7.50 4.05
C LYS B 207 31.67 -7.70 2.78
N ALA B 208 31.09 -8.33 1.75
CA ALA B 208 31.74 -8.70 0.48
C ALA B 208 31.94 -7.50 -0.47
N ALA B 209 31.15 -6.41 -0.35
CA ALA B 209 31.17 -5.30 -1.32
C ALA B 209 30.77 -3.98 -0.65
N LYS B 210 31.26 -2.88 -1.18
CA LYS B 210 31.13 -1.55 -0.55
C LYS B 210 30.22 -0.64 -1.41
N HIS B 211 29.95 -1.03 -2.67
CA HIS B 211 29.16 -0.23 -3.64
C HIS B 211 27.79 -0.91 -3.81
N TYR B 212 26.76 -0.26 -3.27
CA TYR B 212 25.35 -0.70 -3.37
C TYR B 212 24.65 0.29 -4.32
N TYR B 213 24.22 -0.16 -5.50
CA TYR B 213 23.63 0.74 -6.52
C TYR B 213 22.10 0.84 -6.33
N TYR B 214 21.53 1.89 -6.89
CA TYR B 214 20.07 2.11 -6.90
C TYR B 214 19.73 2.97 -8.13
N PRO B 215 18.46 2.93 -8.60
CA PRO B 215 17.46 1.98 -8.08
C PRO B 215 17.59 0.59 -8.74
N GLY B 216 16.87 -0.41 -8.21
CA GLY B 216 16.69 -1.71 -8.89
C GLY B 216 15.58 -1.60 -9.91
N TRP B 217 15.90 -1.06 -11.09
CA TRP B 217 14.90 -0.70 -12.12
C TRP B 217 14.23 -1.97 -12.67
N TRP B 218 14.79 -3.16 -12.42
CA TRP B 218 14.22 -4.43 -12.92
C TRP B 218 13.02 -4.90 -12.07
N GLU B 219 12.97 -4.52 -10.80
CA GLU B 219 11.93 -5.03 -9.84
C GLU B 219 11.38 -3.90 -8.99
N PRO B 220 10.57 -2.98 -9.56
CA PRO B 220 10.12 -1.82 -8.79
C PRO B 220 9.04 -2.13 -7.74
N GLY B 221 8.41 -3.30 -7.77
CA GLY B 221 7.38 -3.63 -6.77
C GLY B 221 6.85 -5.02 -7.02
N PRO B 222 7.67 -6.07 -6.78
CA PRO B 222 7.36 -7.43 -7.14
C PRO B 222 6.32 -8.08 -6.23
N THR B 223 5.21 -8.52 -6.84
CA THR B 223 4.10 -9.26 -6.20
C THR B 223 4.54 -10.73 -5.99
N LEU B 224 4.16 -11.28 -4.85
CA LEU B 224 4.07 -12.74 -4.61
C LEU B 224 2.61 -13.17 -4.66
N MET B 225 2.34 -14.28 -5.33
CA MET B 225 0.97 -14.80 -5.58
C MET B 225 0.75 -16.07 -4.75
N ALA B 226 -0.38 -16.18 -4.08
CA ALA B 226 -0.95 -17.46 -3.64
C ALA B 226 -1.67 -18.11 -4.85
N LEU B 227 -1.45 -19.40 -5.04
CA LEU B 227 -2.05 -20.25 -6.09
C LEU B 227 -2.88 -21.33 -5.39
N VAL B 228 -4.09 -21.60 -5.88
CA VAL B 228 -4.89 -22.77 -5.45
C VAL B 228 -5.31 -23.57 -6.70
N ASN B 229 -5.22 -24.88 -6.59
CA ASN B 229 -5.75 -25.81 -7.62
C ASN B 229 -7.24 -25.48 -7.78
N ARG B 230 -7.68 -25.21 -9.00
CA ARG B 230 -9.08 -24.78 -9.32
C ARG B 230 -10.08 -25.79 -8.75
N LYS B 231 -9.80 -27.09 -8.85
CA LYS B 231 -10.73 -28.16 -8.37
C LYS B 231 -10.72 -28.21 -6.84
N ALA B 232 -9.55 -28.12 -6.21
CA ALA B 232 -9.44 -27.99 -4.75
C ALA B 232 -10.25 -26.77 -4.29
N TRP B 233 -10.13 -25.64 -5.00
CA TRP B 233 -10.86 -24.39 -4.65
C TRP B 233 -12.39 -24.60 -4.76
N SER B 234 -12.85 -25.23 -5.85
CA SER B 234 -14.27 -25.63 -6.08
C SER B 234 -14.83 -26.44 -4.91
N ASP B 235 -14.03 -27.33 -4.32
CA ASP B 235 -14.47 -28.29 -3.27
C ASP B 235 -14.60 -27.56 -1.93
N LEU B 236 -14.01 -26.37 -1.83
CA LEU B 236 -13.90 -25.63 -0.55
C LEU B 236 -15.25 -24.98 -0.32
N PRO B 237 -15.88 -25.12 0.88
CA PRO B 237 -17.09 -24.36 1.17
C PRO B 237 -16.83 -22.85 1.03
N LYS B 238 -17.89 -22.09 0.83
CA LYS B 238 -17.87 -20.65 0.53
C LYS B 238 -17.20 -19.92 1.69
N GLU B 239 -17.44 -20.36 2.92
CA GLU B 239 -16.89 -19.75 4.15
C GLU B 239 -15.34 -19.78 4.09
N TYR B 240 -14.78 -20.90 3.65
CA TYR B 240 -13.32 -21.19 3.71
C TYR B 240 -12.67 -20.46 2.53
N GLN B 241 -13.35 -20.36 1.41
CA GLN B 241 -12.93 -19.50 0.27
C GLN B 241 -12.74 -18.07 0.77
N ALA B 242 -13.74 -17.51 1.47
CA ALA B 242 -13.72 -16.14 2.01
C ALA B 242 -12.54 -15.98 2.97
N MET B 243 -12.29 -16.96 3.84
CA MET B 243 -11.21 -16.90 4.84
C MET B 243 -9.89 -16.81 4.09
N PHE B 244 -9.70 -17.66 3.08
CA PHE B 244 -8.43 -17.76 2.31
C PHE B 244 -8.18 -16.44 1.55
N ARG B 245 -9.16 -16.01 0.77
CA ARG B 245 -9.11 -14.78 -0.05
CA ARG B 245 -9.09 -14.78 -0.07
C ARG B 245 -8.79 -13.56 0.83
N THR B 246 -9.48 -13.45 1.99
CA THR B 246 -9.26 -12.30 2.90
C THR B 246 -7.88 -12.40 3.53
N ALA B 247 -7.43 -13.60 3.92
CA ALA B 247 -6.10 -13.77 4.55
C ALA B 247 -5.01 -13.28 3.58
N CYS B 248 -5.22 -13.45 2.26
CA CYS B 248 -4.20 -13.06 1.25
C CYS B 248 -4.05 -11.53 1.24
N TYR B 249 -5.10 -10.78 1.54
CA TYR B 249 -4.97 -9.29 1.66
C TYR B 249 -4.06 -8.95 2.84
N GLU B 250 -4.19 -9.68 3.95
CA GLU B 250 -3.30 -9.42 5.11
C GLU B 250 -1.85 -9.78 4.76
N ALA B 251 -1.63 -10.93 4.12
CA ALA B 251 -0.28 -11.31 3.64
C ALA B 251 0.31 -10.21 2.75
N ASN B 252 -0.48 -9.69 1.80
CA ASN B 252 -0.06 -8.68 0.79
C ASN B 252 0.32 -7.34 1.47
N LEU B 253 -0.61 -6.73 2.17
CA LEU B 253 -0.34 -5.42 2.85
C LEU B 253 0.67 -5.61 3.99
N GLY B 254 0.55 -6.71 4.77
CA GLY B 254 1.44 -7.05 5.89
C GLY B 254 2.88 -7.16 5.43
N MET B 255 3.13 -7.94 4.38
CA MET B 255 4.50 -8.16 3.86
C MET B 255 5.13 -6.87 3.36
N LEU B 256 4.41 -6.07 2.57
CA LEU B 256 4.97 -4.81 2.06
C LEU B 256 5.37 -3.93 3.22
N SER B 257 4.50 -3.79 4.22
CA SER B 257 4.74 -2.90 5.36
C SER B 257 5.93 -3.42 6.17
N ASN B 258 6.05 -4.73 6.29
CA ASN B 258 7.11 -5.40 7.06
C ASN B 258 8.43 -5.15 6.35
N TYR B 259 8.46 -5.29 5.04
CA TYR B 259 9.70 -5.04 4.25
C TYR B 259 10.10 -3.57 4.34
N GLU B 260 9.13 -2.66 4.20
CA GLU B 260 9.38 -1.20 4.32
C GLU B 260 10.08 -0.90 5.66
N TRP B 261 9.58 -1.43 6.75
CA TRP B 261 10.13 -1.28 8.13
C TRP B 261 11.53 -1.89 8.14
N ARG B 262 11.67 -3.17 7.75
CA ARG B 262 12.95 -3.89 7.87
C ARG B 262 14.02 -3.26 6.96
N ASN B 263 13.66 -2.88 5.74
CA ASN B 263 14.64 -2.28 4.78
C ASN B 263 15.08 -0.90 5.29
N SER B 264 14.15 -0.13 5.88
CA SER B 264 14.46 1.21 6.43
C SER B 264 15.48 1.09 7.58
N GLU B 265 15.29 0.13 8.48
CA GLU B 265 16.25 -0.12 9.61
C GLU B 265 17.59 -0.62 9.07
N ALA B 266 17.57 -1.63 8.20
CA ALA B 266 18.80 -2.26 7.65
C ALA B 266 19.61 -1.22 6.87
N LEU B 267 18.95 -0.29 6.19
CA LEU B 267 19.66 0.75 5.41
C LEU B 267 20.55 1.57 6.36
N GLN B 268 20.06 1.88 7.55
CA GLN B 268 20.83 2.68 8.54
C GLN B 268 22.05 1.85 9.01
N ARG B 269 21.85 0.57 9.31
CA ARG B 269 22.95 -0.33 9.76
C ARG B 269 24.02 -0.40 8.68
N ILE B 270 23.68 -0.66 7.42
CA ILE B 270 24.72 -0.93 6.40
C ILE B 270 25.45 0.37 6.03
N THR B 271 24.83 1.54 6.11
CA THR B 271 25.56 2.82 5.86
C THR B 271 26.55 3.07 7.01
N ARG B 272 26.19 2.71 8.25
CA ARG B 272 27.15 2.78 9.38
C ARG B 272 28.32 1.82 9.18
N GLN B 273 28.15 0.70 8.47
CA GLN B 273 29.22 -0.31 8.18
C GLN B 273 30.01 0.14 6.93
N GLY B 274 29.89 1.40 6.52
CA GLY B 274 30.76 1.98 5.48
C GLY B 274 30.33 1.61 4.08
N ILE B 275 29.11 1.11 3.87
CA ILE B 275 28.57 0.87 2.48
C ILE B 275 28.31 2.22 1.80
N LYS B 276 28.77 2.35 0.55
CA LYS B 276 28.50 3.53 -0.31
C LYS B 276 27.28 3.25 -1.22
N LEU B 277 26.25 4.08 -1.14
CA LEU B 277 25.04 4.02 -2.01
C LEU B 277 25.28 4.88 -3.26
N GLU B 278 25.28 4.26 -4.43
CA GLU B 278 25.63 4.91 -5.71
C GLU B 278 24.38 4.91 -6.60
N ARG B 279 24.05 6.03 -7.20
CA ARG B 279 22.95 6.08 -8.20
C ARG B 279 23.48 5.58 -9.55
N TYR B 280 22.78 4.64 -10.22
CA TYR B 280 23.10 4.28 -11.61
C TYR B 280 23.10 5.57 -12.43
N GLY B 281 24.11 5.73 -13.29
CA GLY B 281 24.17 6.88 -14.22
C GLY B 281 23.05 6.79 -15.24
N ASP B 282 22.66 7.92 -15.81
CA ASP B 282 21.59 8.01 -16.83
C ASP B 282 21.97 7.19 -18.06
N ASP B 283 23.27 7.01 -18.33
CA ASP B 283 23.72 6.21 -19.50
C ASP B 283 23.22 4.77 -19.31
N ILE B 284 23.31 4.23 -18.09
CA ILE B 284 22.82 2.87 -17.78
C ILE B 284 21.29 2.86 -17.78
N LEU B 285 20.64 3.82 -17.12
CA LEU B 285 19.16 3.85 -17.01
C LEU B 285 18.53 4.01 -18.42
N LYS B 286 19.07 4.88 -19.27
CA LYS B 286 18.56 5.08 -20.66
C LYS B 286 18.70 3.77 -21.45
N ALA B 287 19.88 3.17 -21.42
CA ALA B 287 20.20 1.94 -22.16
C ALA B 287 19.29 0.79 -21.66
N ALA B 288 19.11 0.67 -20.35
CA ALA B 288 18.23 -0.36 -19.72
C ALA B 288 16.78 -0.17 -20.16
N ARG B 289 16.29 1.07 -20.19
CA ARG B 289 14.86 1.34 -20.51
C ARG B 289 14.64 0.93 -21.95
N SER B 290 15.58 1.30 -22.81
CA SER B 290 15.57 1.02 -24.27
C SER B 290 15.65 -0.49 -24.50
N ALA B 291 16.61 -1.19 -23.88
CA ALA B 291 16.76 -2.66 -24.00
C ALA B 291 15.48 -3.34 -23.50
N SER B 292 14.89 -2.85 -22.40
CA SER B 292 13.64 -3.44 -21.86
CA SER B 292 13.62 -3.38 -21.82
C SER B 292 12.52 -3.28 -22.89
N ALA B 293 12.34 -2.07 -23.44
CA ALA B 293 11.35 -1.80 -24.52
C ALA B 293 11.61 -2.72 -25.74
N GLU B 294 12.86 -2.98 -26.13
CA GLU B 294 13.18 -3.92 -27.25
C GLU B 294 12.68 -5.32 -26.90
N ILE B 295 12.99 -5.83 -25.70
CA ILE B 295 12.58 -7.20 -25.24
C ILE B 295 11.05 -7.31 -25.26
N PHE B 296 10.33 -6.29 -24.81
CA PHE B 296 8.85 -6.35 -24.68
C PHE B 296 8.24 -6.23 -26.08
N GLN B 297 8.87 -5.45 -26.96
CA GLN B 297 8.49 -5.32 -28.39
C GLN B 297 8.55 -6.69 -29.06
N GLU B 298 9.65 -7.43 -28.90
CA GLU B 298 9.86 -8.80 -29.49
C GLU B 298 8.76 -9.76 -28.97
N LEU B 299 8.49 -9.77 -27.67
CA LEU B 299 7.44 -10.64 -27.05
C LEU B 299 6.07 -10.26 -27.63
N ALA B 300 5.81 -8.97 -27.82
CA ALA B 300 4.54 -8.44 -28.34
C ALA B 300 4.37 -8.83 -29.82
N ASP B 301 5.42 -8.71 -30.64
CA ASP B 301 5.37 -9.03 -32.09
C ASP B 301 5.14 -10.52 -32.28
N ALA B 302 5.63 -11.36 -31.36
CA ALA B 302 5.47 -12.84 -31.42
C ALA B 302 4.10 -13.31 -30.90
N ASP B 303 3.23 -12.45 -30.33
CA ASP B 303 1.99 -12.92 -29.63
C ASP B 303 1.00 -11.76 -29.43
N ALA B 304 -0.17 -11.84 -30.06
CA ALA B 304 -1.19 -10.76 -30.08
C ALA B 304 -1.79 -10.59 -28.68
N GLY B 305 -1.89 -11.69 -27.91
CA GLY B 305 -2.44 -11.71 -26.55
C GLY B 305 -1.51 -10.97 -25.60
N PHE B 306 -0.19 -11.24 -25.70
CA PHE B 306 0.87 -10.51 -24.98
C PHE B 306 0.79 -9.03 -25.37
N LYS B 307 0.73 -8.75 -26.67
CA LYS B 307 0.69 -7.35 -27.19
C LYS B 307 -0.50 -6.62 -26.54
N ALA B 308 -1.70 -7.19 -26.60
CA ALA B 308 -2.93 -6.58 -26.05
C ALA B 308 -2.75 -6.28 -24.55
N LEU B 309 -2.25 -7.25 -23.77
CA LEU B 309 -2.02 -7.08 -22.31
C LEU B 309 -0.98 -6.00 -22.05
N LEU B 310 0.15 -6.01 -22.76
CA LEU B 310 1.20 -4.96 -22.67
C LEU B 310 0.57 -3.58 -22.90
N GLU B 311 -0.31 -3.42 -23.86
CA GLU B 311 -0.89 -2.09 -24.16
C GLU B 311 -1.89 -1.69 -23.08
N ARG B 312 -2.71 -2.60 -22.54
CA ARG B 312 -3.61 -2.27 -21.40
C ARG B 312 -2.77 -1.83 -20.17
N TRP B 313 -1.68 -2.53 -19.92
CA TRP B 313 -0.83 -2.28 -18.73
C TRP B 313 -0.12 -0.95 -18.93
N ARG B 314 0.34 -0.65 -20.13
CA ARG B 314 1.10 0.59 -20.40
C ARG B 314 0.18 1.79 -20.20
N LEU B 315 -1.08 1.64 -20.61
CA LEU B 315 -2.11 2.68 -20.43
C LEU B 315 -2.37 2.88 -18.94
N PHE B 316 -2.59 1.82 -18.20
CA PHE B 316 -2.83 1.93 -16.74
C PHE B 316 -1.62 2.65 -16.12
N ARG B 317 -0.41 2.24 -16.51
CA ARG B 317 0.86 2.80 -15.95
C ARG B 317 0.96 4.31 -16.24
N ARG B 318 0.72 4.74 -17.48
CA ARG B 318 0.69 6.18 -17.83
C ARG B 318 -0.33 6.91 -16.94
N ASP B 319 -1.55 6.41 -16.82
CA ASP B 319 -2.61 7.12 -16.06
C ASP B 319 -2.25 7.20 -14.57
N THR B 320 -1.75 6.13 -13.96
CA THR B 320 -1.49 6.08 -12.50
C THR B 320 -0.28 6.97 -12.20
N ARG B 321 0.71 7.00 -13.08
CA ARG B 321 1.90 7.87 -12.90
C ARG B 321 1.47 9.33 -12.96
N ARG B 322 0.56 9.67 -13.89
N ARG B 322 0.58 9.67 -13.88
CA ARG B 322 0.01 11.05 -14.04
CA ARG B 322 0.06 11.06 -14.02
C ARG B 322 -0.67 11.44 -12.73
C ARG B 322 -0.67 11.44 -12.74
N TRP B 323 -1.48 10.55 -12.19
CA TRP B 323 -2.17 10.76 -10.87
C TRP B 323 -1.13 10.93 -9.75
N ASN B 324 -0.14 10.05 -9.63
CA ASN B 324 0.84 10.12 -8.51
C ASN B 324 1.77 11.34 -8.63
N ASN B 325 2.07 11.81 -9.86
CA ASN B 325 2.81 13.08 -10.09
C ASN B 325 2.11 14.28 -9.42
N ILE B 326 0.82 14.18 -9.20
CA ILE B 326 -0.04 15.24 -8.58
C ILE B 326 -0.28 14.97 -7.08
N ASN B 327 -0.66 13.75 -6.71
CA ASN B 327 -1.19 13.49 -5.33
C ASN B 327 -0.07 13.03 -4.37
N GLU B 328 1.11 12.64 -4.86
CA GLU B 328 2.18 12.12 -3.97
C GLU B 328 3.54 12.77 -4.23
N LEU B 329 3.96 12.90 -5.49
CA LEU B 329 5.33 13.32 -5.82
C LEU B 329 5.65 14.65 -5.14
N PRO B 330 4.78 15.69 -5.14
CA PRO B 330 5.17 17.00 -4.58
C PRO B 330 5.72 16.94 -3.15
N LEU B 331 5.10 16.16 -2.27
CA LEU B 331 5.56 16.03 -0.86
C LEU B 331 6.75 15.07 -0.78
N ALA B 332 6.84 14.11 -1.68
CA ALA B 332 7.92 13.10 -1.67
C ALA B 332 9.27 13.74 -2.05
N GLU B 333 9.28 14.76 -2.90
CA GLU B 333 10.57 15.19 -3.52
C GLU B 333 11.21 16.33 -2.74
N PHE B 334 10.47 17.00 -1.85
CA PHE B 334 11.04 18.05 -0.96
C PHE B 334 11.61 17.37 0.30
N ASP B 335 12.94 17.42 0.46
CA ASP B 335 13.68 16.95 1.66
C ASP B 335 14.03 18.16 2.54
N GLU B 336 13.77 18.08 3.85
CA GLU B 336 13.89 19.20 4.83
C GLU B 336 15.32 19.27 5.37
#